data_5VH3
#
_entry.id   5VH3
#
_cell.length_a   86.580
_cell.length_b   138.820
_cell.length_c   195.460
_cell.angle_alpha   90.000
_cell.angle_beta   90.000
_cell.angle_gamma   90.000
#
_symmetry.space_group_name_H-M   'C 2 2 21'
#
loop_
_entity.id
_entity.type
_entity.pdbx_description
1 polymer 'Infliximab Fab Heavy Chain'
2 polymer 'Infliximab Fab Light Chain'
3 non-polymer 1,2-ETHANEDIOL
4 water water
#
loop_
_entity_poly.entity_id
_entity_poly.type
_entity_poly.pdbx_seq_one_letter_code
_entity_poly.pdbx_strand_id
1 'polypeptide(L)'
;EVKLEESGGGLVQPGGSMKLSCVASGFIFSNHWMNWVRQSPEKGLEWVAEIRSKSINSATHYAESVKGRFTISRDDSKSA
VYLQMTDLRTEDTGVYYCSRNYYGSTYDYWGQGTTLTVSSASTKGPSVFPLAPSSKSTSGGTAALGCLVKDYFPEPVTVS
WNSGALTSGVHTFPAVLQSSGLYSLSSVVTVPSSSLGTQTYICNVNHKPSNTKVDKKVEPKSCDKT
;
H,A
2 'polypeptide(L)'
;DILLTQSPAILSVSPGERVSFSCRASQFVGSSIHWYQQRTNGSPRLLIKYASESMSGIPSRFSGSGSGTDFTLSINTVES
EDIADYYCQQSHSWPFTFGSGTNLEVKRTVAAPSVFIFPPSDEQLKSGTASVVCLLNNFYPREAKVQWKVDNALQSGNSQ
ESVTEQDSKDSTYSLSSTLTLSKADYEKHKVYACEVTHQGLSSPVTKSFNRGEC
;
L,B
#
loop_
_chem_comp.id
_chem_comp.type
_chem_comp.name
_chem_comp.formula
EDO non-polymer 1,2-ETHANEDIOL 'C2 H6 O2'
#
# COMPACT_ATOMS: atom_id res chain seq x y z
N GLU A 1 2.80 4.07 -48.08
CA GLU A 1 2.71 3.98 -46.64
C GLU A 1 1.68 2.93 -46.25
N VAL A 2 2.02 2.09 -45.30
CA VAL A 2 1.07 1.10 -44.79
C VAL A 2 0.13 1.77 -43.80
N LYS A 3 -1.16 1.47 -43.93
CA LYS A 3 -2.19 1.98 -43.03
C LYS A 3 -3.14 0.86 -42.66
N LEU A 4 -3.41 0.73 -41.36
CA LEU A 4 -4.47 -0.11 -40.85
C LEU A 4 -5.42 0.78 -40.06
N GLU A 5 -6.72 0.66 -40.33
CA GLU A 5 -7.70 1.58 -39.75
C GLU A 5 -8.89 0.78 -39.21
N GLU A 6 -9.02 0.74 -37.89
CA GLU A 6 -10.08 -0.02 -37.23
C GLU A 6 -11.32 0.83 -37.01
N SER A 7 -12.46 0.15 -36.86
CA SER A 7 -13.72 0.80 -36.52
C SER A 7 -14.63 -0.23 -35.87
N GLY A 8 -15.67 0.26 -35.22
CA GLY A 8 -16.72 -0.61 -34.68
C GLY A 8 -16.74 -0.73 -33.18
N GLY A 9 -15.75 -0.22 -32.46
CA GLY A 9 -15.77 -0.30 -31.01
C GLY A 9 -16.96 0.43 -30.41
N GLY A 10 -17.14 0.24 -29.11
CA GLY A 10 -18.18 0.97 -28.39
C GLY A 10 -18.55 0.29 -27.09
N LEU A 11 -19.73 0.64 -26.59
CA LEU A 11 -20.25 0.13 -25.32
C LEU A 11 -21.26 -0.98 -25.57
N VAL A 12 -21.13 -2.08 -24.82
CA VAL A 12 -22.05 -3.20 -24.94
C VAL A 12 -22.20 -3.85 -23.57
N GLN A 13 -23.37 -4.42 -23.32
CA GLN A 13 -23.60 -5.09 -22.05
C GLN A 13 -23.00 -6.50 -22.08
N PRO A 14 -22.68 -7.05 -20.90
CA PRO A 14 -22.25 -8.46 -20.83
C PRO A 14 -23.30 -9.35 -21.49
N GLY A 15 -22.82 -10.44 -22.09
CA GLY A 15 -23.66 -11.28 -22.92
C GLY A 15 -23.85 -10.76 -24.32
N GLY A 16 -23.41 -9.54 -24.62
CA GLY A 16 -23.69 -8.90 -25.88
C GLY A 16 -22.76 -9.33 -27.01
N SER A 17 -22.98 -8.75 -28.18
CA SER A 17 -22.17 -9.03 -29.36
C SER A 17 -21.74 -7.72 -30.00
N MET A 18 -20.60 -7.76 -30.68
CA MET A 18 -20.13 -6.59 -31.42
C MET A 18 -19.15 -7.05 -32.49
N LYS A 19 -19.18 -6.40 -33.65
CA LYS A 19 -18.26 -6.72 -34.74
C LYS A 19 -17.31 -5.57 -34.99
N LEU A 20 -16.01 -5.88 -35.01
CA LEU A 20 -14.99 -4.89 -35.33
C LEU A 20 -14.51 -5.09 -36.77
N SER A 21 -14.10 -4.01 -37.41
CA SER A 21 -13.61 -4.05 -38.78
C SER A 21 -12.29 -3.30 -38.86
N CYS A 22 -11.47 -3.69 -39.83
CA CYS A 22 -10.20 -3.04 -40.11
C CYS A 22 -9.97 -3.04 -41.62
N VAL A 23 -9.55 -1.89 -42.15
CA VAL A 23 -9.26 -1.76 -43.58
C VAL A 23 -7.76 -1.46 -43.71
N ALA A 24 -7.10 -2.21 -44.58
CA ALA A 24 -5.67 -2.13 -44.81
C ALA A 24 -5.35 -1.51 -46.16
N SER A 25 -4.17 -0.88 -46.25
CA SER A 25 -3.67 -0.43 -47.53
C SER A 25 -2.15 -0.34 -47.46
N GLY A 26 -1.53 -0.26 -48.63
CA GLY A 26 -0.09 -0.11 -48.73
C GLY A 26 0.70 -1.40 -48.80
N PHE A 27 0.03 -2.54 -48.78
CA PHE A 27 0.70 -3.83 -48.99
C PHE A 27 -0.29 -4.76 -49.65
N ILE A 28 0.23 -5.88 -50.17
CA ILE A 28 -0.58 -6.87 -50.86
C ILE A 28 -1.37 -7.65 -49.80
N PHE A 29 -2.62 -7.24 -49.57
CA PHE A 29 -3.37 -7.68 -48.40
C PHE A 29 -3.50 -9.19 -48.35
N SER A 30 -3.82 -9.82 -49.48
CA SER A 30 -4.17 -11.23 -49.49
C SER A 30 -2.97 -12.14 -49.23
N ASN A 31 -1.73 -11.63 -49.34
CA ASN A 31 -0.56 -12.44 -48.99
C ASN A 31 -0.36 -12.58 -47.48
N HIS A 32 -0.96 -11.73 -46.65
CA HIS A 32 -0.46 -11.55 -45.29
C HIS A 32 -1.44 -12.01 -44.22
N TRP A 33 -0.88 -12.24 -43.03
CA TRP A 33 -1.59 -12.81 -41.91
C TRP A 33 -2.07 -11.67 -41.01
N MET A 34 -3.37 -11.54 -40.85
CA MET A 34 -3.93 -10.40 -40.13
C MET A 34 -4.40 -10.83 -38.75
N ASN A 35 -4.18 -9.97 -37.76
CA ASN A 35 -4.40 -10.31 -36.37
C ASN A 35 -5.20 -9.23 -35.66
N TRP A 36 -5.83 -9.62 -34.57
CA TRP A 36 -6.36 -8.71 -33.57
C TRP A 36 -5.58 -8.93 -32.29
N VAL A 37 -5.11 -7.84 -31.69
CA VAL A 37 -4.37 -7.83 -30.44
C VAL A 37 -5.03 -6.79 -29.55
N ARG A 38 -5.29 -7.14 -28.30
CA ARG A 38 -5.99 -6.22 -27.43
C ARG A 38 -5.10 -5.80 -26.27
N GLN A 39 -5.45 -4.69 -25.63
CA GLN A 39 -4.62 -4.12 -24.56
C GLN A 39 -5.54 -3.59 -23.47
N SER A 40 -5.22 -3.94 -22.22
CA SER A 40 -5.94 -3.49 -21.06
C SER A 40 -4.92 -3.22 -19.97
N PRO A 41 -5.26 -2.37 -18.99
CA PRO A 41 -4.33 -2.15 -17.88
C PRO A 41 -4.08 -3.40 -17.05
N GLU A 42 -5.06 -4.29 -16.95
CA GLU A 42 -4.94 -5.43 -16.05
C GLU A 42 -4.16 -6.58 -16.69
N LYS A 43 -4.32 -6.81 -17.99
CA LYS A 43 -3.67 -7.93 -18.64
C LYS A 43 -2.63 -7.53 -19.67
N GLY A 44 -2.42 -6.23 -19.87
CA GLY A 44 -1.44 -5.79 -20.86
C GLY A 44 -1.87 -6.15 -22.28
N LEU A 45 -0.87 -6.43 -23.12
CA LEU A 45 -1.09 -6.81 -24.52
C LEU A 45 -1.33 -8.32 -24.63
N GLU A 46 -2.43 -8.68 -25.30
CA GLU A 46 -2.83 -10.08 -25.47
C GLU A 46 -3.20 -10.31 -26.93
N TRP A 47 -2.52 -11.24 -27.58
CA TRP A 47 -2.97 -11.68 -28.90
C TRP A 47 -4.36 -12.32 -28.77
N VAL A 48 -5.23 -12.02 -29.74
CA VAL A 48 -6.63 -12.45 -29.70
C VAL A 48 -6.93 -13.50 -30.77
N ALA A 49 -6.65 -13.19 -32.03
CA ALA A 49 -7.03 -14.06 -33.13
C ALA A 49 -6.20 -13.74 -34.37
N GLU A 50 -6.02 -14.75 -35.22
CA GLU A 50 -5.31 -14.59 -36.48
C GLU A 50 -6.05 -15.29 -37.61
N ILE A 51 -6.04 -14.69 -38.79
CA ILE A 51 -6.49 -15.35 -40.00
C ILE A 51 -5.36 -15.25 -41.03
N ARG A 52 -4.92 -16.41 -41.52
CA ARG A 52 -3.80 -16.45 -42.45
C ARG A 52 -4.32 -16.31 -43.89
N SER A 53 -3.42 -16.47 -44.85
CA SER A 53 -3.74 -16.13 -46.23
C SER A 53 -4.51 -17.27 -46.90
N LYS A 54 -5.29 -16.91 -47.93
CA LYS A 54 -6.09 -17.89 -48.65
C LYS A 54 -5.23 -19.00 -49.24
N SER A 55 -3.97 -18.69 -49.57
CA SER A 55 -3.07 -19.67 -50.13
C SER A 55 -2.84 -20.86 -49.21
N ILE A 56 -3.13 -20.71 -47.92
CA ILE A 56 -3.01 -21.80 -46.96
C ILE A 56 -4.36 -22.04 -46.28
N ASN A 57 -5.42 -22.03 -47.09
CA ASN A 57 -6.80 -22.28 -46.65
C ASN A 57 -7.31 -21.21 -45.67
N SER A 58 -6.63 -20.06 -45.61
CA SER A 58 -6.98 -18.94 -44.73
C SER A 58 -7.34 -19.42 -43.32
N ALA A 59 -6.39 -20.12 -42.70
CA ALA A 59 -6.65 -20.75 -41.42
C ALA A 59 -6.77 -19.71 -40.32
N THR A 60 -7.68 -19.99 -39.38
CA THR A 60 -7.95 -19.11 -38.25
C THR A 60 -7.42 -19.73 -36.97
N HIS A 61 -6.92 -18.88 -36.07
CA HIS A 61 -6.40 -19.29 -34.78
C HIS A 61 -6.87 -18.29 -33.72
N TYR A 62 -7.18 -18.79 -32.53
CA TYR A 62 -7.79 -18.00 -31.46
C TYR A 62 -7.09 -18.24 -30.13
N ALA A 63 -7.02 -17.19 -29.32
CA ALA A 63 -6.58 -17.35 -27.94
C ALA A 63 -7.61 -18.18 -27.19
N GLU A 64 -7.12 -18.99 -26.24
CA GLU A 64 -8.03 -19.81 -25.45
C GLU A 64 -9.09 -18.98 -24.74
N SER A 65 -8.77 -17.74 -24.36
CA SER A 65 -9.72 -16.91 -23.62
C SER A 65 -10.91 -16.46 -24.47
N VAL A 66 -10.82 -16.57 -25.80
CA VAL A 66 -11.91 -16.14 -26.66
C VAL A 66 -12.41 -17.24 -27.58
N LYS A 67 -11.75 -18.39 -27.62
CA LYS A 67 -12.14 -19.47 -28.51
C LYS A 67 -13.60 -19.83 -28.31
N GLY A 68 -14.31 -20.06 -29.41
CA GLY A 68 -15.73 -20.39 -29.36
C GLY A 68 -16.66 -19.21 -29.18
N ARG A 69 -16.14 -18.03 -28.80
CA ARG A 69 -16.92 -16.81 -28.69
C ARG A 69 -16.62 -15.81 -29.79
N PHE A 70 -15.38 -15.72 -30.26
CA PHE A 70 -14.99 -14.76 -31.28
C PHE A 70 -14.79 -15.48 -32.62
N THR A 71 -15.05 -14.77 -33.71
CA THR A 71 -14.80 -15.29 -35.05
C THR A 71 -14.07 -14.21 -35.84
N ILE A 72 -12.91 -14.56 -36.41
CA ILE A 72 -12.14 -13.65 -37.24
C ILE A 72 -12.36 -14.04 -38.69
N SER A 73 -12.45 -13.05 -39.56
CA SER A 73 -12.67 -13.30 -40.98
C SER A 73 -12.00 -12.21 -41.78
N ARG A 74 -11.94 -12.41 -43.10
CA ARG A 74 -11.35 -11.42 -43.97
C ARG A 74 -12.11 -11.36 -45.30
N ASP A 75 -12.09 -10.18 -45.91
CA ASP A 75 -12.61 -10.00 -47.26
C ASP A 75 -11.49 -9.38 -48.08
N ASP A 76 -10.80 -10.20 -48.88
CA ASP A 76 -9.64 -9.70 -49.61
C ASP A 76 -10.03 -8.69 -50.67
N SER A 77 -11.24 -8.77 -51.23
CA SER A 77 -11.65 -7.78 -52.22
C SER A 77 -11.81 -6.40 -51.60
N LYS A 78 -12.02 -6.33 -50.28
CA LYS A 78 -12.17 -5.08 -49.57
C LYS A 78 -10.95 -4.74 -48.72
N SER A 79 -9.90 -5.56 -48.77
CA SER A 79 -8.71 -5.43 -47.90
C SER A 79 -9.10 -5.25 -46.45
N ALA A 80 -10.04 -6.08 -45.99
CA ALA A 80 -10.65 -5.93 -44.68
C ALA A 80 -10.52 -7.21 -43.87
N VAL A 81 -10.28 -7.04 -42.57
CA VAL A 81 -10.32 -8.12 -41.60
C VAL A 81 -11.35 -7.75 -40.54
N TYR A 82 -12.09 -8.73 -40.04
CA TYR A 82 -13.18 -8.48 -39.12
C TYR A 82 -13.03 -9.34 -37.86
N LEU A 83 -13.59 -8.85 -36.74
CA LEU A 83 -13.66 -9.65 -35.52
C LEU A 83 -15.09 -9.62 -35.00
N GLN A 84 -15.80 -10.73 -35.14
CA GLN A 84 -17.14 -10.87 -34.58
C GLN A 84 -17.02 -11.41 -33.16
N MET A 85 -17.51 -10.64 -32.20
CA MET A 85 -17.49 -11.05 -30.79
C MET A 85 -18.90 -11.37 -30.32
N THR A 86 -19.03 -12.41 -29.50
CA THR A 86 -20.30 -12.82 -28.91
C THR A 86 -20.06 -13.20 -27.46
N ASP A 87 -21.16 -13.33 -26.70
CA ASP A 87 -21.09 -13.68 -25.27
C ASP A 87 -20.02 -12.85 -24.56
N LEU A 88 -20.07 -11.54 -24.77
CA LEU A 88 -18.99 -10.69 -24.28
C LEU A 88 -18.96 -10.65 -22.76
N ARG A 89 -17.74 -10.51 -22.23
CA ARG A 89 -17.49 -10.50 -20.80
C ARG A 89 -16.87 -9.17 -20.40
N THR A 90 -17.05 -8.78 -19.13
CA THR A 90 -16.45 -7.53 -18.67
C THR A 90 -14.94 -7.53 -18.90
N GLU A 91 -14.29 -8.68 -18.77
CA GLU A 91 -12.84 -8.71 -18.96
C GLU A 91 -12.42 -8.71 -20.43
N ASP A 92 -13.37 -8.74 -21.36
CA ASP A 92 -13.03 -8.46 -22.76
C ASP A 92 -12.83 -6.97 -23.02
N THR A 93 -13.16 -6.11 -22.06
CA THR A 93 -12.97 -4.67 -22.21
C THR A 93 -11.51 -4.35 -22.55
N GLY A 94 -11.30 -3.44 -23.48
CA GLY A 94 -9.96 -3.00 -23.79
C GLY A 94 -9.89 -2.34 -25.16
N VAL A 95 -8.67 -1.98 -25.54
CA VAL A 95 -8.40 -1.41 -26.84
C VAL A 95 -8.00 -2.53 -27.79
N TYR A 96 -8.69 -2.63 -28.92
CA TYR A 96 -8.47 -3.72 -29.88
C TYR A 96 -7.73 -3.16 -31.09
N TYR A 97 -6.53 -3.68 -31.34
CA TYR A 97 -5.72 -3.27 -32.48
C TYR A 97 -5.80 -4.31 -33.59
N CYS A 98 -6.00 -3.84 -34.80
CA CYS A 98 -5.70 -4.63 -35.99
C CYS A 98 -4.19 -4.62 -36.20
N SER A 99 -3.62 -5.77 -36.58
CA SER A 99 -2.17 -5.85 -36.72
C SER A 99 -1.80 -6.90 -37.75
N ARG A 100 -0.76 -6.62 -38.53
CA ARG A 100 -0.18 -7.62 -39.41
C ARG A 100 0.95 -8.34 -38.66
N ASN A 101 0.91 -9.66 -38.67
CA ASN A 101 2.05 -10.46 -38.22
C ASN A 101 2.81 -10.96 -39.44
N TYR A 102 4.12 -10.80 -39.44
CA TYR A 102 4.93 -11.12 -40.62
C TYR A 102 5.27 -12.62 -40.60
N TYR A 103 4.33 -13.41 -41.09
CA TYR A 103 4.54 -14.83 -41.37
C TYR A 103 5.02 -15.59 -40.14
N GLY A 104 4.49 -15.23 -38.97
CA GLY A 104 4.83 -15.95 -37.74
C GLY A 104 6.07 -15.40 -37.05
N SER A 105 6.14 -14.09 -36.91
CA SER A 105 7.27 -13.47 -36.22
C SER A 105 6.78 -12.20 -35.54
N THR A 106 7.11 -11.04 -36.10
CA THR A 106 6.77 -9.76 -35.48
C THR A 106 5.38 -9.31 -35.87
N TYR A 107 4.80 -8.44 -35.04
CA TYR A 107 3.62 -7.65 -35.42
C TYR A 107 4.17 -6.34 -36.00
N ASP A 108 4.40 -6.33 -37.32
CA ASP A 108 5.21 -5.26 -37.88
C ASP A 108 4.41 -4.01 -38.25
N TYR A 109 3.07 -4.07 -38.30
CA TYR A 109 2.23 -2.89 -38.46
C TYR A 109 1.00 -2.99 -37.57
N TRP A 110 0.59 -1.85 -37.02
CA TRP A 110 -0.53 -1.79 -36.09
C TRP A 110 -1.47 -0.66 -36.50
N GLY A 111 -2.76 -0.85 -36.24
CA GLY A 111 -3.72 0.21 -36.40
C GLY A 111 -3.68 1.20 -35.25
N GLN A 112 -4.73 2.01 -35.17
CA GLN A 112 -4.82 3.02 -34.12
C GLN A 112 -5.57 2.53 -32.89
N GLY A 113 -6.22 1.38 -32.99
CA GLY A 113 -6.96 0.83 -31.86
C GLY A 113 -8.41 1.27 -31.86
N THR A 114 -9.33 0.38 -31.50
CA THR A 114 -10.72 0.75 -31.26
C THR A 114 -11.14 0.22 -29.89
N THR A 115 -11.90 1.02 -29.16
CA THR A 115 -12.16 0.74 -27.76
C THR A 115 -13.45 -0.05 -27.59
N LEU A 116 -13.37 -1.16 -26.85
CA LEU A 116 -14.51 -1.95 -26.44
C LEU A 116 -14.69 -1.82 -24.94
N THR A 117 -15.89 -1.42 -24.52
CA THR A 117 -16.25 -1.37 -23.09
C THR A 117 -17.42 -2.31 -22.86
N VAL A 118 -17.20 -3.38 -22.12
CA VAL A 118 -18.28 -4.30 -21.76
C VAL A 118 -18.69 -3.98 -20.33
N SER A 119 -19.91 -3.46 -20.15
CA SER A 119 -20.39 -3.06 -18.82
C SER A 119 -21.91 -3.03 -18.80
N SER A 120 -22.47 -3.35 -17.64
CA SER A 120 -23.91 -3.26 -17.47
C SER A 120 -24.35 -1.89 -16.96
N ALA A 121 -23.43 -0.96 -16.74
CA ALA A 121 -23.79 0.35 -16.22
C ALA A 121 -24.63 1.13 -17.23
N SER A 122 -25.58 1.91 -16.73
CA SER A 122 -26.41 2.77 -17.57
C SER A 122 -25.74 4.13 -17.75
N THR A 123 -25.95 4.71 -18.93
CA THR A 123 -25.40 6.03 -19.24
C THR A 123 -25.99 7.08 -18.31
N LYS A 124 -25.12 7.92 -17.74
CA LYS A 124 -25.54 8.83 -16.68
C LYS A 124 -24.56 9.99 -16.59
N GLY A 125 -25.09 11.21 -16.46
CA GLY A 125 -24.24 12.38 -16.32
C GLY A 125 -23.76 12.55 -14.89
N PRO A 126 -22.69 13.31 -14.69
CA PRO A 126 -22.11 13.46 -13.36
C PRO A 126 -22.83 14.48 -12.49
N SER A 127 -22.68 14.29 -11.18
CA SER A 127 -22.90 15.37 -10.23
C SER A 127 -21.57 16.07 -9.99
N VAL A 128 -21.60 17.40 -9.86
CA VAL A 128 -20.38 18.20 -9.71
C VAL A 128 -20.46 18.94 -8.38
N PHE A 129 -19.48 18.71 -7.52
CA PHE A 129 -19.44 19.32 -6.21
C PHE A 129 -18.18 20.14 -6.04
N PRO A 130 -18.26 21.28 -5.33
CA PRO A 130 -17.06 22.12 -5.19
C PRO A 130 -16.07 21.51 -4.20
N LEU A 131 -14.79 21.67 -4.49
CA LEU A 131 -13.72 21.46 -3.52
C LEU A 131 -13.26 22.87 -3.14
N ALA A 132 -13.83 23.39 -2.03
CA ALA A 132 -13.67 24.81 -1.74
C ALA A 132 -12.28 25.10 -1.20
N PRO A 133 -11.67 26.23 -1.55
CA PRO A 133 -10.35 26.56 -1.02
C PRO A 133 -10.40 26.69 0.50
N SER A 134 -9.43 26.05 1.16
CA SER A 134 -9.41 26.00 2.61
C SER A 134 -9.25 27.40 3.20
N SER A 135 -10.06 27.69 4.22
CA SER A 135 -9.95 28.97 4.93
C SER A 135 -8.61 29.13 5.64
N LYS A 136 -7.85 28.06 5.81
CA LYS A 136 -6.50 28.14 6.35
C LYS A 136 -5.48 28.11 5.22
N GLY A 141 0.07 32.68 0.52
CA GLY A 141 0.82 31.88 -0.42
C GLY A 141 -0.03 31.31 -1.54
N THR A 142 -0.09 30.00 -1.64
CA THR A 142 -0.81 29.29 -2.70
C THR A 142 -2.03 28.57 -2.13
N ALA A 143 -3.15 28.69 -2.82
CA ALA A 143 -4.37 27.98 -2.45
C ALA A 143 -4.69 26.91 -3.48
N ALA A 144 -5.32 25.84 -3.02
CA ALA A 144 -5.83 24.81 -3.91
C ALA A 144 -7.35 24.78 -3.85
N LEU A 145 -7.98 24.58 -4.99
CA LEU A 145 -9.44 24.41 -5.07
C LEU A 145 -9.75 23.51 -6.25
N GLY A 146 -11.01 23.07 -6.33
CA GLY A 146 -11.31 22.15 -7.41
C GLY A 146 -12.79 21.81 -7.49
N CYS A 147 -13.08 20.80 -8.32
CA CYS A 147 -14.42 20.27 -8.50
C CYS A 147 -14.36 18.75 -8.45
N LEU A 148 -15.30 18.15 -7.73
CA LEU A 148 -15.47 16.71 -7.71
C LEU A 148 -16.54 16.35 -8.73
N VAL A 149 -16.19 15.50 -9.70
CA VAL A 149 -17.08 15.12 -10.79
C VAL A 149 -17.44 13.64 -10.58
N LYS A 150 -18.62 13.38 -10.05
CA LYS A 150 -18.91 12.09 -9.42
C LYS A 150 -20.07 11.36 -10.12
N ASP A 151 -19.90 10.04 -10.28
CA ASP A 151 -20.95 9.12 -10.67
C ASP A 151 -21.47 9.36 -12.09
N TYR A 152 -20.59 9.27 -13.08
CA TYR A 152 -21.00 9.35 -14.48
C TYR A 152 -20.61 8.07 -15.20
N PHE A 153 -21.25 7.84 -16.35
CA PHE A 153 -20.91 6.72 -17.21
C PHE A 153 -21.47 6.96 -18.61
N PRO A 154 -20.71 6.59 -19.66
CA PRO A 154 -19.35 6.06 -19.61
C PRO A 154 -18.31 7.18 -19.72
N GLU A 155 -17.06 6.82 -19.98
CA GLU A 155 -16.01 7.82 -20.25
C GLU A 155 -16.26 8.41 -21.62
N PRO A 156 -15.80 9.65 -21.87
CA PRO A 156 -15.10 10.55 -20.95
C PRO A 156 -15.94 11.75 -20.50
N VAL A 157 -15.38 12.53 -19.58
CA VAL A 157 -15.82 13.90 -19.35
C VAL A 157 -14.65 14.81 -19.69
N THR A 158 -14.98 16.06 -20.04
CA THR A 158 -13.99 17.12 -20.17
C THR A 158 -14.25 18.16 -19.09
N VAL A 159 -13.17 18.73 -18.55
CA VAL A 159 -13.25 19.77 -17.53
C VAL A 159 -12.33 20.90 -17.95
N SER A 160 -12.86 22.10 -17.99
CA SER A 160 -12.06 23.30 -18.15
C SER A 160 -12.30 24.20 -16.94
N TRP A 161 -11.55 25.29 -16.85
CA TRP A 161 -11.71 26.26 -15.77
C TRP A 161 -11.86 27.65 -16.36
N ASN A 162 -12.89 28.37 -15.91
CA ASN A 162 -13.20 29.71 -16.41
C ASN A 162 -13.26 29.73 -17.94
N SER A 163 -14.00 28.77 -18.49
CA SER A 163 -14.22 28.68 -19.93
C SER A 163 -12.91 28.55 -20.71
N GLY A 164 -11.88 27.99 -20.09
CA GLY A 164 -10.58 27.82 -20.74
C GLY A 164 -9.59 28.93 -20.49
N ALA A 165 -9.97 30.01 -19.81
CA ALA A 165 -9.03 31.07 -19.51
C ALA A 165 -8.01 30.65 -18.45
N LEU A 166 -8.30 29.63 -17.65
CA LEU A 166 -7.43 29.19 -16.57
C LEU A 166 -6.90 27.80 -16.91
N THR A 167 -5.60 27.69 -17.15
CA THR A 167 -4.99 26.42 -17.51
C THR A 167 -3.75 26.10 -16.68
N SER A 168 -2.99 27.13 -16.29
CA SER A 168 -1.78 26.91 -15.50
C SER A 168 -2.13 26.35 -14.13
N GLY A 169 -1.43 25.29 -13.73
CA GLY A 169 -1.64 24.68 -12.45
C GLY A 169 -2.87 23.82 -12.32
N VAL A 170 -3.58 23.55 -13.41
CA VAL A 170 -4.73 22.65 -13.39
C VAL A 170 -4.25 21.21 -13.45
N HIS A 171 -4.85 20.34 -12.62
CA HIS A 171 -4.66 18.90 -12.71
C HIS A 171 -6.06 18.29 -12.73
N THR A 172 -6.44 17.71 -13.86
CA THR A 172 -7.68 16.94 -13.97
C THR A 172 -7.30 15.47 -13.92
N PHE A 173 -7.68 14.80 -12.82
CA PHE A 173 -7.14 13.46 -12.57
C PHE A 173 -7.80 12.44 -13.50
N PRO A 174 -7.09 11.34 -13.80
CA PRO A 174 -7.75 10.24 -14.52
C PRO A 174 -8.92 9.72 -13.71
N ALA A 175 -9.98 9.34 -14.43
CA ALA A 175 -11.16 8.77 -13.82
C ALA A 175 -10.85 7.43 -13.17
N VAL A 176 -11.55 7.15 -12.08
CA VAL A 176 -11.47 5.85 -11.41
C VAL A 176 -12.84 5.21 -11.44
N LEU A 177 -12.88 3.91 -11.73
CA LEU A 177 -14.15 3.18 -11.74
C LEU A 177 -14.51 2.80 -10.31
N GLN A 178 -15.71 3.18 -9.89
CA GLN A 178 -16.18 2.83 -8.55
C GLN A 178 -16.85 1.46 -8.59
N SER A 179 -17.00 0.85 -7.41
CA SER A 179 -17.64 -0.45 -7.34
C SER A 179 -19.06 -0.41 -7.85
N SER A 180 -19.69 0.76 -7.86
CA SER A 180 -21.01 0.94 -8.47
C SER A 180 -21.00 0.75 -9.98
N GLY A 181 -19.82 0.72 -10.61
CA GLY A 181 -19.76 0.71 -12.06
C GLY A 181 -19.73 2.09 -12.70
N LEU A 182 -19.86 3.14 -11.90
CA LEU A 182 -19.76 4.52 -12.38
C LEU A 182 -18.37 5.06 -12.12
N TYR A 183 -17.98 6.06 -12.92
CA TYR A 183 -16.70 6.74 -12.80
C TYR A 183 -16.82 7.99 -11.91
N SER A 184 -15.68 8.38 -11.33
CA SER A 184 -15.53 9.61 -10.57
C SER A 184 -14.13 10.18 -10.81
N LEU A 185 -14.04 11.51 -10.89
CA LEU A 185 -12.73 12.16 -10.88
C LEU A 185 -12.84 13.51 -10.18
N SER A 186 -11.68 14.08 -9.87
CA SER A 186 -11.56 15.46 -9.42
C SER A 186 -10.69 16.24 -10.39
N SER A 187 -10.99 17.53 -10.55
CA SER A 187 -10.11 18.47 -11.22
C SER A 187 -9.76 19.56 -10.22
N VAL A 188 -8.46 19.82 -10.04
CA VAL A 188 -8.00 20.78 -9.05
C VAL A 188 -7.07 21.78 -9.72
N VAL A 189 -6.89 22.93 -9.06
CA VAL A 189 -6.02 23.98 -9.55
C VAL A 189 -5.44 24.72 -8.36
N THR A 190 -4.16 25.07 -8.43
CA THR A 190 -3.54 25.94 -7.44
C THR A 190 -3.47 27.36 -7.96
N VAL A 191 -3.83 28.31 -7.10
CA VAL A 191 -3.89 29.74 -7.45
C VAL A 191 -3.34 30.54 -6.29
N PRO A 192 -2.97 31.80 -6.53
CA PRO A 192 -2.48 32.62 -5.41
C PRO A 192 -3.59 32.88 -4.41
N SER A 193 -3.28 32.70 -3.12
CA SER A 193 -4.25 32.96 -2.06
C SER A 193 -4.88 34.34 -2.19
N SER A 194 -4.07 35.34 -2.55
CA SER A 194 -4.57 36.70 -2.66
C SER A 194 -5.65 36.84 -3.74
N SER A 195 -5.69 35.93 -4.71
CA SER A 195 -6.65 36.06 -5.79
C SER A 195 -8.04 35.54 -5.42
N LEU A 196 -8.20 34.95 -4.23
CA LEU A 196 -9.47 34.35 -3.86
C LEU A 196 -10.56 35.40 -3.65
N GLY A 197 -10.20 36.61 -3.25
CA GLY A 197 -11.19 37.66 -3.08
C GLY A 197 -11.42 38.52 -4.30
N THR A 198 -10.66 38.32 -5.37
CA THR A 198 -10.77 39.16 -6.56
C THR A 198 -11.15 38.40 -7.82
N GLN A 199 -10.94 37.08 -7.84
CA GLN A 199 -11.13 36.27 -9.04
C GLN A 199 -12.14 35.17 -8.73
N THR A 200 -13.13 35.00 -9.60
CA THR A 200 -14.04 33.87 -9.49
C THR A 200 -13.45 32.67 -10.20
N TYR A 201 -13.80 31.48 -9.72
CA TYR A 201 -13.29 30.23 -10.25
C TYR A 201 -14.46 29.31 -10.51
N ILE A 202 -14.62 28.91 -11.77
CA ILE A 202 -15.74 28.09 -12.23
C ILE A 202 -15.19 26.94 -13.05
N CYS A 203 -15.56 25.71 -12.70
CA CYS A 203 -15.24 24.56 -13.52
C CYS A 203 -16.40 24.28 -14.47
N ASN A 204 -16.05 24.00 -15.71
CA ASN A 204 -17.02 23.70 -16.76
C ASN A 204 -16.89 22.23 -17.08
N VAL A 205 -17.94 21.45 -16.80
CA VAL A 205 -17.93 20.01 -16.97
C VAL A 205 -18.86 19.65 -18.12
N ASN A 206 -18.33 18.87 -19.07
CA ASN A 206 -19.12 18.37 -20.18
C ASN A 206 -19.04 16.85 -20.21
N HIS A 207 -20.20 16.19 -20.26
CA HIS A 207 -20.30 14.75 -20.42
C HIS A 207 -21.17 14.52 -21.66
N LYS A 208 -20.51 14.35 -22.81
CA LYS A 208 -21.24 14.23 -24.07
C LYS A 208 -22.16 13.01 -24.13
N PRO A 209 -21.80 11.82 -23.62
CA PRO A 209 -22.72 10.67 -23.75
C PRO A 209 -24.09 10.90 -23.15
N SER A 210 -24.22 11.79 -22.18
CA SER A 210 -25.52 12.06 -21.56
C SER A 210 -26.02 13.47 -21.85
N ASN A 211 -25.33 14.21 -22.73
CA ASN A 211 -25.66 15.60 -23.04
C ASN A 211 -25.78 16.44 -21.77
N THR A 212 -24.85 16.21 -20.83
CA THR A 212 -24.81 16.98 -19.59
C THR A 212 -23.70 18.00 -19.67
N LYS A 213 -24.03 19.25 -19.35
CA LYS A 213 -23.05 20.32 -19.22
C LYS A 213 -23.32 21.05 -17.91
N VAL A 214 -22.29 21.23 -17.10
CA VAL A 214 -22.42 21.80 -15.77
C VAL A 214 -21.31 22.82 -15.54
N ASP A 215 -21.69 24.03 -15.13
CA ASP A 215 -20.75 25.03 -14.63
C ASP A 215 -20.95 25.15 -13.12
N LYS A 216 -19.88 24.95 -12.35
CA LYS A 216 -19.95 25.04 -10.90
C LYS A 216 -19.00 26.11 -10.42
N LYS A 217 -19.55 27.14 -9.76
CA LYS A 217 -18.72 28.17 -9.15
C LYS A 217 -18.19 27.65 -7.82
N VAL A 218 -16.87 27.73 -7.64
CA VAL A 218 -16.17 27.24 -6.44
C VAL A 218 -15.70 28.46 -5.64
N GLU A 219 -16.20 28.60 -4.42
CA GLU A 219 -15.87 29.75 -3.59
C GLU A 219 -15.55 29.32 -2.16
N PRO A 220 -14.86 30.17 -1.40
CA PRO A 220 -14.63 29.84 0.02
C PRO A 220 -15.94 29.63 0.77
N LYS A 221 -15.95 28.62 1.62
CA LYS A 221 -17.16 28.22 2.34
C LYS A 221 -17.39 29.15 3.54
N SER A 222 -18.58 29.74 3.60
CA SER A 222 -18.94 30.61 4.71
C SER A 222 -19.45 29.81 5.91
N ASP B 1 1.18 -21.06 -21.90
CA ASP B 1 1.88 -20.09 -22.73
C ASP B 1 3.25 -19.73 -22.16
N ILE B 2 4.14 -19.20 -22.99
CA ILE B 2 5.43 -18.71 -22.52
C ILE B 2 5.21 -17.34 -21.90
N LEU B 3 5.71 -17.17 -20.67
CA LEU B 3 5.55 -15.91 -19.97
C LEU B 3 6.83 -15.10 -20.09
N LEU B 4 6.68 -13.80 -20.34
CA LEU B 4 7.80 -12.87 -20.43
C LEU B 4 7.74 -11.92 -19.23
N THR B 5 8.81 -11.89 -18.44
CA THR B 5 8.89 -11.06 -17.24
C THR B 5 9.78 -9.87 -17.57
N GLN B 6 9.21 -8.67 -17.59
CA GLN B 6 9.97 -7.46 -17.89
C GLN B 6 10.31 -6.75 -16.60
N SER B 7 11.52 -6.25 -16.51
CA SER B 7 11.96 -5.55 -15.31
CA SER B 7 11.98 -5.57 -15.31
C SER B 7 12.96 -4.47 -15.67
N PRO B 8 12.90 -3.33 -14.96
CA PRO B 8 11.90 -3.02 -13.95
C PRO B 8 10.60 -2.59 -14.61
N ALA B 9 9.53 -2.51 -13.83
CA ALA B 9 8.27 -1.97 -14.36
C ALA B 9 8.39 -0.49 -14.69
N ILE B 10 9.19 0.24 -13.91
CA ILE B 10 9.40 1.67 -14.09
C ILE B 10 10.89 1.93 -14.04
N LEU B 11 11.43 2.52 -15.11
CA LEU B 11 12.84 2.90 -15.16
C LEU B 11 12.93 4.41 -15.30
N SER B 12 13.71 5.04 -14.44
CA SER B 12 13.84 6.50 -14.40
C SER B 12 15.17 6.89 -15.03
N VAL B 13 15.11 7.79 -16.02
CA VAL B 13 16.28 8.11 -16.83
C VAL B 13 16.53 9.61 -16.79
N SER B 14 17.76 9.99 -16.50
CA SER B 14 18.14 11.39 -16.61
C SER B 14 18.49 11.71 -18.07
N PRO B 15 18.06 12.86 -18.58
CA PRO B 15 18.40 13.21 -19.97
C PRO B 15 19.88 13.08 -20.26
N GLY B 16 20.25 12.29 -21.27
CA GLY B 16 21.63 12.05 -21.61
C GLY B 16 22.20 10.73 -21.12
N GLU B 17 21.42 9.95 -20.37
CA GLU B 17 21.88 8.72 -19.75
C GLU B 17 21.72 7.53 -20.71
N ARG B 18 22.62 6.55 -20.58
CA ARG B 18 22.52 5.27 -21.30
C ARG B 18 21.79 4.27 -20.41
N VAL B 19 20.67 3.73 -20.91
CA VAL B 19 19.81 2.88 -20.10
C VAL B 19 19.55 1.55 -20.80
N SER B 20 19.15 0.56 -20.02
CA SER B 20 18.79 -0.73 -20.57
C SER B 20 17.70 -1.35 -19.70
N PHE B 21 16.86 -2.17 -20.31
CA PHE B 21 15.84 -2.88 -19.56
C PHE B 21 15.80 -4.32 -20.03
N SER B 22 15.11 -5.15 -19.24
CA SER B 22 15.30 -6.58 -19.27
C SER B 22 13.99 -7.31 -19.60
N CYS B 23 14.12 -8.42 -20.33
CA CYS B 23 12.99 -9.30 -20.63
C CYS B 23 13.45 -10.73 -20.42
N ARG B 24 12.77 -11.46 -19.52
CA ARG B 24 13.15 -12.84 -19.20
C ARG B 24 12.00 -13.78 -19.58
N ALA B 25 12.29 -14.75 -20.45
CA ALA B 25 11.28 -15.73 -20.86
C ALA B 25 11.22 -16.90 -19.88
N SER B 26 10.03 -17.42 -19.63
CA SER B 26 9.87 -18.54 -18.70
C SER B 26 10.41 -19.86 -19.25
N GLN B 27 10.74 -19.93 -20.53
CA GLN B 27 11.47 -21.07 -21.09
C GLN B 27 12.25 -20.59 -22.30
N PHE B 28 13.03 -21.50 -22.89
CA PHE B 28 13.89 -21.16 -24.02
C PHE B 28 13.06 -20.59 -25.18
N VAL B 29 13.53 -19.47 -25.73
CA VAL B 29 12.88 -18.85 -26.89
C VAL B 29 13.89 -18.52 -28.00
N GLY B 30 15.09 -19.10 -27.94
CA GLY B 30 16.04 -18.88 -29.03
C GLY B 30 16.42 -17.42 -29.14
N SER B 31 16.31 -16.86 -30.35
CA SER B 31 16.47 -15.43 -30.57
CA SER B 31 16.48 -15.43 -30.55
C SER B 31 15.15 -14.74 -30.91
N SER B 32 14.02 -15.42 -30.72
CA SER B 32 12.71 -14.92 -31.17
C SER B 32 12.06 -13.98 -30.17
N ILE B 33 12.76 -12.88 -29.86
CA ILE B 33 12.26 -11.82 -28.99
C ILE B 33 12.28 -10.51 -29.78
N HIS B 34 11.15 -9.81 -29.80
CA HIS B 34 11.00 -8.57 -30.53
C HIS B 34 10.55 -7.47 -29.58
N TRP B 35 11.03 -6.26 -29.82
CA TRP B 35 10.78 -5.13 -28.92
C TRP B 35 9.94 -4.06 -29.60
N TYR B 36 9.03 -3.45 -28.82
CA TYR B 36 8.10 -2.44 -29.31
C TYR B 36 8.14 -1.20 -28.41
N GLN B 37 7.89 -0.05 -29.03
CA GLN B 37 7.72 1.20 -28.31
C GLN B 37 6.27 1.67 -28.42
N GLN B 38 5.73 2.17 -27.32
CA GLN B 38 4.37 2.73 -27.35
C GLN B 38 4.37 4.04 -26.59
N ARG B 39 4.29 5.14 -27.32
CA ARG B 39 4.17 6.45 -26.70
C ARG B 39 2.74 6.64 -26.16
N THR B 40 2.60 7.61 -25.25
CA THR B 40 1.29 7.90 -24.68
C THR B 40 0.27 8.13 -25.79
N ASN B 41 -0.88 7.49 -25.67
CA ASN B 41 -1.99 7.61 -26.62
C ASN B 41 -1.64 7.09 -28.01
N GLY B 42 -0.52 6.39 -28.17
CA GLY B 42 -0.12 5.86 -29.45
C GLY B 42 -0.24 4.33 -29.53
N SER B 43 0.07 3.81 -30.71
CA SER B 43 0.06 2.37 -30.96
C SER B 43 1.46 1.79 -30.80
N PRO B 44 1.57 0.49 -30.55
CA PRO B 44 2.89 -0.14 -30.52
C PRO B 44 3.62 0.05 -31.85
N ARG B 45 4.95 0.20 -31.74
CA ARG B 45 5.82 0.40 -32.89
C ARG B 45 6.98 -0.56 -32.77
N LEU B 46 7.17 -1.39 -33.80
CA LEU B 46 8.27 -2.36 -33.79
C LEU B 46 9.62 -1.65 -33.88
N LEU B 47 10.51 -1.93 -32.94
CA LEU B 47 11.85 -1.33 -32.89
C LEU B 47 12.96 -2.29 -33.26
N ILE B 48 12.95 -3.49 -32.68
CA ILE B 48 14.02 -4.47 -32.78
C ILE B 48 13.39 -5.83 -33.02
N LYS B 49 13.88 -6.56 -34.03
CA LYS B 49 13.40 -7.91 -34.26
C LYS B 49 14.53 -8.91 -34.03
N TYR B 50 14.14 -10.13 -33.65
CA TYR B 50 15.05 -11.24 -33.36
C TYR B 50 16.23 -10.82 -32.48
N ALA B 51 15.86 -10.27 -31.31
CA ALA B 51 16.76 -9.93 -30.20
C ALA B 51 17.67 -8.75 -30.50
N SER B 52 18.21 -8.64 -31.71
CA SER B 52 19.27 -7.68 -31.95
C SER B 52 19.24 -6.97 -33.30
N GLU B 53 18.26 -7.23 -34.16
CA GLU B 53 18.24 -6.63 -35.50
C GLU B 53 17.36 -5.38 -35.48
N SER B 54 17.97 -4.23 -35.79
CA SER B 54 17.22 -2.98 -35.78
C SER B 54 16.40 -2.83 -37.05
N MET B 55 15.20 -2.30 -36.92
CA MET B 55 14.35 -2.04 -38.07
C MET B 55 14.83 -0.79 -38.79
N SER B 56 14.59 -0.74 -40.10
CA SER B 56 15.00 0.43 -40.87
C SER B 56 14.19 1.65 -40.41
N GLY B 57 14.86 2.81 -40.34
CA GLY B 57 14.23 4.02 -39.86
C GLY B 57 14.20 4.18 -38.35
N ILE B 58 14.62 3.17 -37.59
CA ILE B 58 14.71 3.27 -36.14
C ILE B 58 16.08 3.83 -35.79
N PRO B 59 16.17 4.81 -34.89
CA PRO B 59 17.46 5.45 -34.61
C PRO B 59 18.49 4.48 -34.06
N SER B 60 19.76 4.81 -34.31
CA SER B 60 20.88 3.92 -33.98
C SER B 60 21.12 3.78 -32.49
N ARG B 61 20.61 4.70 -31.66
CA ARG B 61 20.81 4.57 -30.22
C ARG B 61 20.09 3.36 -29.63
N PHE B 62 19.12 2.79 -30.33
CA PHE B 62 18.46 1.56 -29.87
C PHE B 62 19.30 0.36 -30.28
N SER B 63 19.55 -0.56 -29.33
CA SER B 63 20.14 -1.84 -29.68
C SER B 63 19.64 -2.91 -28.72
N GLY B 64 19.52 -4.13 -29.24
CA GLY B 64 19.10 -5.23 -28.40
C GLY B 64 20.16 -6.32 -28.33
N SER B 65 20.12 -7.13 -27.28
CA SER B 65 21.01 -8.28 -27.19
C SER B 65 20.34 -9.35 -26.35
N GLY B 66 20.93 -10.54 -26.37
CA GLY B 66 20.43 -11.66 -25.58
C GLY B 66 20.10 -12.86 -26.43
N SER B 67 20.05 -14.03 -25.80
CA SER B 67 19.59 -15.25 -26.46
C SER B 67 19.25 -16.25 -25.38
N GLY B 68 18.29 -17.11 -25.68
CA GLY B 68 17.90 -18.14 -24.73
C GLY B 68 16.73 -17.76 -23.87
N THR B 69 17.00 -17.16 -22.69
CA THR B 69 15.92 -16.69 -21.85
C THR B 69 16.05 -15.23 -21.43
N ASP B 70 17.24 -14.64 -21.40
CA ASP B 70 17.44 -13.29 -20.88
C ASP B 70 17.81 -12.34 -22.00
N PHE B 71 17.00 -11.29 -22.17
CA PHE B 71 17.15 -10.35 -23.27
C PHE B 71 17.21 -8.93 -22.72
N THR B 72 17.89 -8.05 -23.47
CA THR B 72 18.08 -6.67 -23.04
C THR B 72 17.85 -5.73 -24.21
N LEU B 73 17.12 -4.64 -23.94
CA LEU B 73 17.02 -3.51 -24.86
C LEU B 73 17.81 -2.35 -24.26
N SER B 74 18.65 -1.70 -25.07
CA SER B 74 19.46 -0.57 -24.62
C SER B 74 19.20 0.66 -25.47
N ILE B 75 19.24 1.83 -24.82
CA ILE B 75 19.18 3.10 -25.51
C ILE B 75 20.42 3.88 -25.09
N ASN B 76 21.37 4.01 -26.01
CA ASN B 76 22.64 4.67 -25.71
C ASN B 76 22.43 6.17 -25.86
N THR B 77 22.15 6.82 -24.73
CA THR B 77 21.68 8.20 -24.60
C THR B 77 20.23 8.32 -25.03
N VAL B 78 19.35 8.38 -24.02
CA VAL B 78 17.92 8.58 -24.23
C VAL B 78 17.66 10.02 -24.70
N GLU B 79 16.73 10.16 -25.63
CA GLU B 79 16.19 11.45 -26.01
C GLU B 79 14.78 11.58 -25.46
N SER B 80 14.25 12.80 -25.46
CA SER B 80 12.94 13.02 -24.84
C SER B 80 11.83 12.27 -25.57
N GLU B 81 11.99 12.07 -26.89
CA GLU B 81 11.00 11.30 -27.62
C GLU B 81 11.03 9.81 -27.27
N ASP B 82 12.03 9.35 -26.50
CA ASP B 82 12.08 7.95 -26.09
C ASP B 82 11.25 7.67 -24.84
N ILE B 83 10.76 8.71 -24.16
CA ILE B 83 9.87 8.54 -23.01
C ILE B 83 8.59 7.88 -23.47
N ALA B 84 8.38 6.63 -23.05
CA ALA B 84 7.32 5.77 -23.59
C ALA B 84 7.32 4.47 -22.80
N ASP B 85 6.36 3.60 -23.11
CA ASP B 85 6.38 2.24 -22.61
C ASP B 85 7.08 1.34 -23.64
N TYR B 86 7.73 0.29 -23.16
CA TYR B 86 8.43 -0.66 -24.03
C TYR B 86 8.02 -2.08 -23.68
N TYR B 87 7.75 -2.88 -24.71
CA TYR B 87 7.23 -4.23 -24.57
C TYR B 87 8.12 -5.20 -25.35
N CYS B 88 8.36 -6.38 -24.76
CA CYS B 88 8.93 -7.48 -25.52
C CYS B 88 7.84 -8.48 -25.90
N GLN B 89 8.12 -9.28 -26.94
CA GLN B 89 7.20 -10.27 -27.48
C GLN B 89 8.01 -11.45 -27.99
N GLN B 90 7.54 -12.67 -27.74
CA GLN B 90 8.19 -13.86 -28.26
C GLN B 90 7.36 -14.45 -29.40
N SER B 91 8.07 -14.98 -30.40
CA SER B 91 7.46 -15.75 -31.48
C SER B 91 8.10 -17.14 -31.60
N HIS B 92 8.74 -17.60 -30.53
CA HIS B 92 9.37 -18.92 -30.55
C HIS B 92 8.33 -20.02 -30.74
N SER B 93 7.17 -19.87 -30.11
CA SER B 93 6.11 -20.88 -30.26
C SER B 93 4.76 -20.27 -29.90
N TRP B 94 3.71 -20.98 -30.33
CA TRP B 94 2.34 -20.51 -30.26
C TRP B 94 1.73 -20.77 -28.87
N PRO B 95 0.93 -19.82 -28.36
CA PRO B 95 0.60 -18.54 -28.98
C PRO B 95 1.65 -17.51 -28.68
N PHE B 96 1.75 -16.48 -29.52
CA PHE B 96 2.69 -15.40 -29.25
C PHE B 96 2.21 -14.58 -28.06
N THR B 97 3.18 -14.11 -27.25
CA THR B 97 2.89 -13.48 -25.97
C THR B 97 3.80 -12.26 -25.78
N PHE B 98 3.34 -11.33 -24.94
CA PHE B 98 4.00 -10.07 -24.67
C PHE B 98 4.35 -9.98 -23.20
N GLY B 99 5.47 -9.32 -22.90
CA GLY B 99 5.75 -8.89 -21.54
C GLY B 99 4.76 -7.82 -21.07
N SER B 100 4.83 -7.53 -19.77
CA SER B 100 3.95 -6.56 -19.12
C SER B 100 4.40 -5.12 -19.32
N GLY B 101 5.60 -4.90 -19.81
CA GLY B 101 6.00 -3.56 -20.18
C GLY B 101 6.91 -2.92 -19.15
N THR B 102 7.82 -2.08 -19.64
CA THR B 102 8.63 -1.19 -18.83
C THR B 102 8.28 0.24 -19.22
N ASN B 103 7.92 1.05 -18.24
CA ASN B 103 7.65 2.46 -18.46
C ASN B 103 8.93 3.25 -18.24
N LEU B 104 9.30 4.06 -19.22
CA LEU B 104 10.45 4.95 -19.13
C LEU B 104 9.95 6.33 -18.74
N GLU B 105 10.44 6.86 -17.62
CA GLU B 105 10.00 8.15 -17.11
C GLU B 105 11.22 9.06 -16.91
N VAL B 106 10.94 10.35 -16.80
CA VAL B 106 12.00 11.34 -16.62
C VAL B 106 12.42 11.36 -15.16
N LYS B 107 13.73 11.20 -14.94
CA LYS B 107 14.31 11.33 -13.60
C LYS B 107 14.64 12.80 -13.34
N ARG B 108 14.28 13.28 -12.15
CA ARG B 108 14.58 14.64 -11.71
C ARG B 108 14.90 14.59 -10.23
N THR B 109 15.23 15.74 -9.67
CA THR B 109 15.52 15.81 -8.24
C THR B 109 14.22 15.63 -7.44
N VAL B 110 14.38 15.24 -6.18
CA VAL B 110 13.23 14.96 -5.33
C VAL B 110 12.46 16.25 -5.10
N ALA B 111 11.13 16.17 -5.13
CA ALA B 111 10.26 17.30 -4.82
C ALA B 111 9.15 16.82 -3.90
N ALA B 112 8.98 17.48 -2.78
CA ALA B 112 7.96 17.09 -1.82
C ALA B 112 6.57 17.50 -2.32
N PRO B 113 5.54 16.72 -2.01
CA PRO B 113 4.18 17.13 -2.36
C PRO B 113 3.73 18.28 -1.47
N SER B 114 2.93 19.15 -2.05
CA SER B 114 2.11 20.09 -1.29
C SER B 114 0.78 19.40 -1.02
N VAL B 115 0.36 19.35 0.24
CA VAL B 115 -0.75 18.51 0.67
C VAL B 115 -1.94 19.40 1.04
N PHE B 116 -3.13 19.02 0.57
CA PHE B 116 -4.36 19.76 0.85
C PHE B 116 -5.47 18.76 1.15
N ILE B 117 -6.38 19.12 2.05
CA ILE B 117 -7.52 18.25 2.35
C ILE B 117 -8.81 19.02 2.13
N PHE B 118 -9.81 18.35 1.57
CA PHE B 118 -11.08 18.97 1.23
C PHE B 118 -12.23 18.20 1.88
N PRO B 119 -12.99 18.82 2.76
CA PRO B 119 -14.18 18.16 3.33
C PRO B 119 -15.25 17.95 2.28
N PRO B 120 -16.20 17.05 2.52
CA PRO B 120 -17.34 16.95 1.60
C PRO B 120 -18.12 18.25 1.57
N SER B 121 -18.66 18.58 0.40
CA SER B 121 -19.48 19.78 0.28
C SER B 121 -20.83 19.55 0.96
N ASP B 122 -21.47 20.66 1.37
CA ASP B 122 -22.84 20.57 1.88
C ASP B 122 -23.77 19.99 0.82
N GLU B 123 -23.59 20.39 -0.44
CA GLU B 123 -24.44 19.86 -1.52
C GLU B 123 -24.37 18.33 -1.58
N GLN B 124 -23.16 17.76 -1.56
CA GLN B 124 -23.05 16.31 -1.64
C GLN B 124 -23.67 15.64 -0.41
N LEU B 125 -23.40 16.18 0.78
CA LEU B 125 -23.98 15.62 2.00
C LEU B 125 -25.49 15.52 1.90
N LYS B 126 -26.13 16.54 1.31
CA LYS B 126 -27.59 16.49 1.11
C LYS B 126 -28.00 15.35 0.21
N SER B 127 -27.08 14.79 -0.59
CA SER B 127 -27.42 13.68 -1.48
C SER B 127 -27.22 12.31 -0.82
N GLY B 128 -26.71 12.26 0.41
CA GLY B 128 -26.54 10.99 1.10
C GLY B 128 -25.12 10.44 1.11
N THR B 129 -24.16 11.12 0.49
CA THR B 129 -22.80 10.61 0.40
C THR B 129 -21.81 11.68 0.82
N ALA B 130 -20.66 11.24 1.32
CA ALA B 130 -19.58 12.12 1.72
C ALA B 130 -18.30 11.62 1.06
N SER B 131 -17.65 12.47 0.27
CA SER B 131 -16.34 12.20 -0.29
C SER B 131 -15.36 13.17 0.33
N VAL B 132 -14.29 12.64 0.93
CA VAL B 132 -13.22 13.46 1.47
C VAL B 132 -12.02 13.30 0.55
N VAL B 133 -11.44 14.42 0.12
CA VAL B 133 -10.38 14.41 -0.90
C VAL B 133 -9.07 14.91 -0.29
N CYS B 134 -8.02 14.12 -0.44
CA CYS B 134 -6.66 14.50 -0.07
C CYS B 134 -5.84 14.64 -1.34
N LEU B 135 -5.23 15.82 -1.53
CA LEU B 135 -4.47 16.15 -2.74
C LEU B 135 -2.97 16.27 -2.43
N LEU B 136 -2.15 15.56 -3.20
CA LEU B 136 -0.69 15.67 -3.16
C LEU B 136 -0.25 16.31 -4.47
N ASN B 137 0.25 17.53 -4.42
CA ASN B 137 0.50 18.30 -5.62
C ASN B 137 1.99 18.38 -5.94
N ASN B 138 2.34 18.02 -7.19
CA ASN B 138 3.64 18.27 -7.83
C ASN B 138 4.82 17.69 -7.02
N PHE B 139 4.92 16.37 -7.03
CA PHE B 139 5.95 15.71 -6.25
C PHE B 139 6.71 14.72 -7.12
N TYR B 140 7.90 14.36 -6.63
CA TYR B 140 8.75 13.39 -7.31
C TYR B 140 9.70 12.79 -6.27
N PRO B 141 9.91 11.46 -6.29
CA PRO B 141 9.36 10.50 -7.25
C PRO B 141 7.90 10.14 -6.98
N ARG B 142 7.38 9.21 -7.78
CA ARG B 142 5.96 8.88 -7.79
C ARG B 142 5.53 8.13 -6.54
N GLU B 143 6.45 7.40 -5.89
CA GLU B 143 6.08 6.62 -4.71
C GLU B 143 5.69 7.53 -3.56
N ALA B 144 4.49 7.32 -3.04
CA ALA B 144 4.01 8.07 -1.88
C ALA B 144 3.04 7.17 -1.12
N LYS B 145 2.97 7.36 0.20
CA LYS B 145 2.03 6.62 1.03
C LYS B 145 1.03 7.61 1.64
N VAL B 146 -0.25 7.32 1.44
CA VAL B 146 -1.34 8.15 1.96
C VAL B 146 -2.23 7.26 2.81
N GLN B 147 -2.40 7.61 4.09
CA GLN B 147 -3.24 6.87 5.02
C GLN B 147 -4.32 7.80 5.57
N TRP B 148 -5.56 7.32 5.58
CA TRP B 148 -6.68 8.03 6.17
C TRP B 148 -6.86 7.60 7.62
N LYS B 149 -7.10 8.57 8.50
CA LYS B 149 -7.41 8.29 9.89
C LYS B 149 -8.67 9.04 10.26
N VAL B 150 -9.64 8.33 10.81
CA VAL B 150 -10.92 8.89 11.22
C VAL B 150 -11.08 8.64 12.72
N ASP B 151 -11.14 9.72 13.50
CA ASP B 151 -11.06 9.64 14.97
C ASP B 151 -10.01 8.63 15.41
N ASN B 152 -8.83 8.74 14.81
CA ASN B 152 -7.63 7.97 15.09
C ASN B 152 -7.73 6.52 14.61
N ALA B 153 -8.79 6.11 13.94
CA ALA B 153 -8.89 4.77 13.38
C ALA B 153 -8.34 4.76 11.95
N LEU B 154 -7.32 3.94 11.71
CA LEU B 154 -6.79 3.80 10.35
C LEU B 154 -7.84 3.19 9.43
N GLN B 155 -8.05 3.82 8.27
CA GLN B 155 -9.07 3.36 7.34
C GLN B 155 -8.46 2.39 6.33
N SER B 156 -9.28 1.44 5.89
CA SER B 156 -8.87 0.47 4.87
C SER B 156 -10.06 0.09 4.01
N GLY B 157 -9.85 0.06 2.70
CA GLY B 157 -10.82 -0.46 1.77
C GLY B 157 -11.89 0.53 1.32
N ASN B 158 -11.86 1.76 1.81
CA ASN B 158 -12.89 2.73 1.46
C ASN B 158 -12.30 3.99 0.82
N SER B 159 -11.11 3.88 0.23
CA SER B 159 -10.51 4.98 -0.49
C SER B 159 -10.00 4.52 -1.85
N GLN B 160 -9.87 5.46 -2.77
CA GLN B 160 -9.30 5.20 -4.09
C GLN B 160 -8.33 6.31 -4.43
N GLU B 161 -7.21 5.95 -5.06
CA GLU B 161 -6.20 6.90 -5.48
C GLU B 161 -6.21 7.06 -6.99
N SER B 162 -5.77 8.23 -7.45
CA SER B 162 -5.59 8.53 -8.86
C SER B 162 -4.34 9.38 -9.02
N VAL B 163 -3.54 9.10 -10.05
CA VAL B 163 -2.27 9.79 -10.26
C VAL B 163 -2.23 10.34 -11.68
N THR B 164 -1.79 11.59 -11.81
CA THR B 164 -1.63 12.18 -13.13
C THR B 164 -0.43 11.57 -13.86
N GLU B 165 -0.43 11.73 -15.18
CA GLU B 165 0.78 11.50 -15.97
C GLU B 165 1.86 12.49 -15.56
N GLN B 166 3.12 12.10 -15.80
CA GLN B 166 4.23 12.95 -15.45
C GLN B 166 4.13 14.28 -16.18
N ASP B 167 4.32 15.39 -15.46
CA ASP B 167 4.09 16.70 -16.04
C ASP B 167 5.14 17.00 -17.10
N SER B 168 4.70 17.53 -18.23
CA SER B 168 5.64 17.74 -19.33
C SER B 168 6.65 18.85 -19.02
N LYS B 169 6.30 19.79 -18.14
CA LYS B 169 7.17 20.94 -17.87
C LYS B 169 8.08 20.75 -16.65
N ASP B 170 7.59 20.22 -15.53
CA ASP B 170 8.44 20.06 -14.35
C ASP B 170 8.69 18.62 -13.93
N SER B 171 8.17 17.64 -14.68
CA SER B 171 8.43 16.22 -14.47
C SER B 171 7.90 15.70 -13.13
N THR B 172 6.93 16.38 -12.53
CA THR B 172 6.36 15.90 -11.27
C THR B 172 5.08 15.13 -11.53
N TYR B 173 4.59 14.48 -10.46
CA TYR B 173 3.30 13.82 -10.42
C TYR B 173 2.39 14.52 -9.41
N SER B 174 1.09 14.36 -9.59
CA SER B 174 0.13 14.77 -8.57
C SER B 174 -0.78 13.58 -8.30
N LEU B 175 -1.34 13.53 -7.09
CA LEU B 175 -2.08 12.37 -6.68
C LEU B 175 -3.29 12.83 -5.88
N SER B 176 -4.42 12.15 -6.08
CA SER B 176 -5.58 12.35 -5.23
C SER B 176 -5.90 11.04 -4.52
N SER B 177 -6.30 11.14 -3.25
CA SER B 177 -6.84 10.03 -2.49
C SER B 177 -8.22 10.44 -2.00
N THR B 178 -9.24 9.66 -2.36
CA THR B 178 -10.62 10.01 -2.08
C THR B 178 -11.22 8.99 -1.13
N LEU B 179 -11.65 9.44 0.05
CA LEU B 179 -12.32 8.61 1.05
C LEU B 179 -13.83 8.77 0.88
N THR B 180 -14.54 7.65 0.70
CA THR B 180 -15.98 7.70 0.47
C THR B 180 -16.71 7.00 1.59
N LEU B 181 -17.65 7.69 2.23
CA LEU B 181 -18.50 7.14 3.29
C LEU B 181 -19.93 7.54 3.02
N SER B 182 -20.87 6.78 3.59
CA SER B 182 -22.24 7.24 3.63
C SER B 182 -22.35 8.48 4.52
N LYS B 183 -23.42 9.24 4.32
CA LYS B 183 -23.67 10.40 5.17
C LYS B 183 -23.74 10.00 6.64
N ALA B 184 -24.46 8.90 6.94
CA ALA B 184 -24.59 8.46 8.33
C ALA B 184 -23.23 8.13 8.92
N ASP B 185 -22.38 7.43 8.17
CA ASP B 185 -21.06 7.09 8.67
C ASP B 185 -20.20 8.32 8.85
N TYR B 186 -20.24 9.24 7.87
CA TYR B 186 -19.49 10.49 7.99
C TYR B 186 -19.87 11.22 9.27
N GLU B 187 -21.17 11.33 9.56
CA GLU B 187 -21.64 12.12 10.69
C GLU B 187 -21.42 11.42 12.03
N LYS B 188 -20.94 10.19 12.04
CA LYS B 188 -20.63 9.48 13.28
C LYS B 188 -19.29 9.89 13.89
N HIS B 189 -18.45 10.61 13.16
CA HIS B 189 -17.09 10.88 13.58
C HIS B 189 -16.76 12.36 13.42
N LYS B 190 -15.68 12.80 14.08
CA LYS B 190 -15.33 14.21 14.10
C LYS B 190 -14.06 14.52 13.32
N VAL B 191 -12.96 13.85 13.63
CA VAL B 191 -11.66 14.26 13.10
C VAL B 191 -11.31 13.42 11.89
N TYR B 192 -11.08 14.09 10.76
CA TYR B 192 -10.73 13.43 9.51
C TYR B 192 -9.31 13.86 9.15
N ALA B 193 -8.43 12.89 8.97
CA ALA B 193 -7.02 13.20 8.76
C ALA B 193 -6.43 12.37 7.64
N CYS B 194 -5.61 13.03 6.82
CA CYS B 194 -4.83 12.41 5.76
C CYS B 194 -3.35 12.53 6.17
N GLU B 195 -2.63 11.40 6.26
CA GLU B 195 -1.21 11.43 6.58
C GLU B 195 -0.40 10.97 5.37
N VAL B 196 0.58 11.78 4.97
CA VAL B 196 1.31 11.62 3.71
C VAL B 196 2.78 11.37 4.03
N THR B 197 3.30 10.26 3.52
CA THR B 197 4.70 9.90 3.65
C THR B 197 5.34 9.97 2.27
N HIS B 198 6.44 10.70 2.15
CA HIS B 198 7.13 10.86 0.88
C HIS B 198 8.59 11.18 1.16
N GLN B 199 9.46 10.67 0.28
CA GLN B 199 10.90 10.83 0.46
C GLN B 199 11.28 12.30 0.59
N GLY B 200 10.58 13.19 -0.10
CA GLY B 200 10.90 14.61 -0.04
C GLY B 200 10.51 15.34 1.23
N LEU B 201 9.75 14.70 2.13
CA LEU B 201 9.32 15.33 3.38
C LEU B 201 10.19 14.83 4.53
N SER B 202 10.77 15.76 5.28
CA SER B 202 11.62 15.35 6.41
C SER B 202 10.82 14.65 7.49
N SER B 203 9.52 14.92 7.57
CA SER B 203 8.66 14.08 8.39
C SER B 203 7.30 14.03 7.72
N PRO B 204 6.56 12.93 7.88
CA PRO B 204 5.24 12.84 7.25
C PRO B 204 4.34 14.01 7.62
N VAL B 205 3.53 14.43 6.66
CA VAL B 205 2.65 15.59 6.80
C VAL B 205 1.23 15.09 7.04
N THR B 206 0.56 15.67 8.03
CA THR B 206 -0.86 15.39 8.30
C THR B 206 -1.66 16.66 8.01
N LYS B 207 -2.70 16.54 7.20
CA LYS B 207 -3.71 17.57 7.07
C LYS B 207 -5.02 17.00 7.62
N SER B 208 -5.74 17.79 8.40
CA SER B 208 -6.94 17.28 9.04
C SER B 208 -7.96 18.39 9.22
N PHE B 209 -9.19 17.99 9.51
CA PHE B 209 -10.24 18.94 9.87
C PHE B 209 -11.22 18.26 10.83
N ASN B 210 -11.93 19.10 11.57
CA ASN B 210 -13.08 18.68 12.38
C ASN B 210 -14.35 18.81 11.55
N ARG B 211 -15.13 17.75 11.47
CA ARG B 211 -16.36 17.76 10.69
C ARG B 211 -17.23 18.96 11.09
N GLY B 212 -17.71 19.69 10.07
CA GLY B 212 -18.67 20.75 10.29
C GLY B 212 -18.15 22.00 10.97
N GLU B 213 -16.85 22.30 10.84
CA GLU B 213 -16.28 23.44 11.55
C GLU B 213 -15.63 24.39 10.55
N CYS B 214 -16.18 25.62 10.46
CA CYS B 214 -15.59 26.77 9.76
C CYS B 214 -16.57 27.94 9.75
N GLU C 1 10.11 3.93 46.83
CA GLU C 1 9.64 4.01 45.45
C GLU C 1 8.19 3.52 45.35
N VAL C 2 7.41 4.12 44.46
CA VAL C 2 6.07 3.62 44.16
C VAL C 2 6.18 2.39 43.27
N LYS C 3 5.44 1.34 43.59
CA LYS C 3 5.38 0.14 42.76
C LYS C 3 3.93 -0.27 42.57
N LEU C 4 3.56 -0.58 41.34
CA LEU C 4 2.28 -1.19 41.00
C LEU C 4 2.56 -2.49 40.26
N GLU C 5 1.97 -3.59 40.72
CA GLU C 5 2.25 -4.89 40.13
C GLU C 5 0.94 -5.59 39.81
N GLU C 6 0.69 -5.82 38.51
CA GLU C 6 -0.51 -6.47 38.00
C GLU C 6 -0.32 -7.98 37.89
N SER C 7 -1.44 -8.69 37.93
CA SER C 7 -1.46 -10.12 37.64
C SER C 7 -2.84 -10.48 37.12
N GLY C 8 -2.97 -11.70 36.60
CA GLY C 8 -4.26 -12.26 36.26
C GLY C 8 -4.59 -12.34 34.78
N GLY C 9 -3.75 -11.84 33.90
CA GLY C 9 -4.04 -11.91 32.49
C GLY C 9 -3.95 -13.33 31.94
N GLY C 10 -4.34 -13.45 30.67
CA GLY C 10 -4.21 -14.74 30.00
C GLY C 10 -5.13 -14.80 28.80
N LEU C 11 -5.37 -16.03 28.36
CA LEU C 11 -6.14 -16.33 27.15
C LEU C 11 -7.54 -16.78 27.55
N VAL C 12 -8.56 -16.24 26.87
CA VAL C 12 -9.95 -16.56 27.18
C VAL C 12 -10.77 -16.44 25.90
N GLN C 13 -11.87 -17.18 25.83
CA GLN C 13 -12.75 -17.16 24.68
C GLN C 13 -13.75 -16.03 24.77
N PRO C 14 -14.31 -15.59 23.64
CA PRO C 14 -15.41 -14.61 23.69
C PRO C 14 -16.52 -15.10 24.60
N GLY C 15 -17.17 -14.15 25.26
CA GLY C 15 -18.14 -14.47 26.28
C GLY C 15 -17.54 -14.80 27.62
N GLY C 16 -16.20 -14.92 27.71
CA GLY C 16 -15.56 -15.36 28.94
C GLY C 16 -15.48 -14.26 29.99
N SER C 17 -14.92 -14.65 31.14
CA SER C 17 -14.68 -13.78 32.29
C SER C 17 -13.25 -13.94 32.75
N MET C 18 -12.72 -12.89 33.37
CA MET C 18 -11.36 -12.90 33.91
C MET C 18 -11.24 -11.75 34.90
N LYS C 19 -10.51 -11.97 35.99
CA LYS C 19 -10.30 -10.94 37.00
C LYS C 19 -8.82 -10.59 37.09
N LEU C 20 -8.51 -9.32 36.90
CA LEU C 20 -7.15 -8.82 37.07
C LEU C 20 -6.98 -8.24 38.48
N SER C 21 -5.76 -8.34 39.01
CA SER C 21 -5.42 -7.79 40.31
C SER C 21 -4.18 -6.91 40.18
N CYS C 22 -4.08 -5.92 41.06
CA CYS C 22 -2.93 -5.03 41.15
C CYS C 22 -2.67 -4.71 42.61
N VAL C 23 -1.42 -4.89 43.07
CA VAL C 23 -1.01 -4.57 44.42
C VAL C 23 -0.08 -3.38 44.37
N ALA C 24 -0.35 -2.38 45.20
CA ALA C 24 0.38 -1.12 45.22
C ALA C 24 1.21 -1.00 46.49
N SER C 25 2.34 -0.30 46.38
CA SER C 25 3.15 0.03 47.54
C SER C 25 3.88 1.34 47.28
N GLY C 26 4.32 1.99 48.36
CA GLY C 26 5.09 3.20 48.25
C GLY C 26 4.31 4.49 48.34
N PHE C 27 2.99 4.43 48.53
CA PHE C 27 2.20 5.63 48.76
C PHE C 27 1.01 5.25 49.63
N ILE C 28 0.27 6.26 50.11
CA ILE C 28 -0.89 6.02 50.96
C ILE C 28 -2.04 5.59 50.05
N PHE C 29 -2.22 4.27 49.91
CA PHE C 29 -3.10 3.71 48.88
C PHE C 29 -4.54 4.19 49.03
N SER C 30 -5.04 4.27 50.27
CA SER C 30 -6.44 4.60 50.50
C SER C 30 -6.79 6.02 50.08
N ASN C 31 -5.81 6.91 49.97
CA ASN C 31 -6.09 8.28 49.55
C ASN C 31 -6.27 8.44 48.04
N HIS C 32 -5.83 7.48 47.24
CA HIS C 32 -5.61 7.77 45.82
C HIS C 32 -6.58 7.02 44.90
N TRP C 33 -6.78 7.63 43.72
CA TRP C 33 -7.72 7.13 42.71
C TRP C 33 -7.00 6.14 41.81
N MET C 34 -7.49 4.90 41.77
CA MET C 34 -6.82 3.83 41.05
C MET C 34 -7.55 3.51 39.74
N ASN C 35 -6.78 3.26 38.67
CA ASN C 35 -7.32 3.11 37.34
C ASN C 35 -6.78 1.85 36.66
N TRP C 36 -7.54 1.38 35.67
CA TRP C 36 -7.06 0.47 34.66
C TRP C 36 -7.06 1.18 33.30
N VAL C 37 -5.98 1.03 32.55
CA VAL C 37 -5.84 1.61 31.22
C VAL C 37 -5.28 0.52 30.32
N ARG C 38 -5.91 0.30 29.17
CA ARG C 38 -5.45 -0.77 28.29
C ARG C 38 -4.80 -0.20 27.05
N GLN C 39 -4.00 -1.04 26.39
CA GLN C 39 -3.26 -0.63 25.21
C GLN C 39 -3.36 -1.72 24.14
N SER C 40 -3.70 -1.34 22.91
CA SER C 40 -3.73 -2.28 21.81
C SER C 40 -3.17 -1.60 20.55
N PRO C 41 -2.68 -2.39 19.60
CA PRO C 41 -2.20 -1.76 18.35
C PRO C 41 -3.28 -0.98 17.62
N GLU C 42 -4.52 -1.48 17.64
CA GLU C 42 -5.58 -0.91 16.83
C GLU C 42 -6.19 0.34 17.48
N LYS C 43 -6.38 0.34 18.79
CA LYS C 43 -7.03 1.47 19.46
C LYS C 43 -6.08 2.34 20.28
N GLY C 44 -4.83 1.91 20.47
CA GLY C 44 -3.89 2.69 21.25
C GLY C 44 -4.19 2.57 22.74
N LEU C 45 -3.88 3.65 23.46
CA LEU C 45 -4.13 3.72 24.90
C LEU C 45 -5.56 4.16 25.14
N GLU C 46 -6.27 3.43 26.00
CA GLU C 46 -7.68 3.70 26.34
C GLU C 46 -7.88 3.55 27.84
N TRP C 47 -8.37 4.61 28.48
CA TRP C 47 -8.82 4.49 29.87
C TRP C 47 -10.01 3.54 29.96
N VAL C 48 -9.99 2.67 30.96
CA VAL C 48 -10.99 1.61 31.14
C VAL C 48 -11.91 1.90 32.32
N ALA C 49 -11.34 2.11 33.51
CA ALA C 49 -12.15 2.26 34.71
C ALA C 49 -11.35 2.95 35.80
N GLU C 50 -12.07 3.56 36.74
CA GLU C 50 -11.47 4.22 37.89
C GLU C 50 -12.31 3.93 39.13
N ILE C 51 -11.64 3.76 40.26
CA ILE C 51 -12.31 3.77 41.55
C ILE C 51 -11.60 4.79 42.44
N ARG C 52 -12.37 5.71 43.00
CA ARG C 52 -11.78 6.78 43.79
C ARG C 52 -11.72 6.36 45.26
N SER C 53 -11.35 7.28 46.13
CA SER C 53 -11.09 6.98 47.53
C SER C 53 -12.39 6.78 48.29
N LYS C 54 -12.31 5.99 49.37
CA LYS C 54 -13.48 5.77 50.22
C LYS C 54 -13.98 7.08 50.80
N SER C 55 -13.09 8.08 50.93
CA SER C 55 -13.49 9.39 51.43
C SER C 55 -14.52 10.08 50.54
N ILE C 56 -14.70 9.60 49.31
CA ILE C 56 -15.77 10.09 48.44
C ILE C 56 -16.61 8.90 47.95
N ASN C 57 -16.99 8.02 48.88
CA ASN C 57 -17.89 6.90 48.67
C ASN C 57 -17.33 5.83 47.71
N SER C 58 -16.01 5.83 47.47
CA SER C 58 -15.37 4.86 46.58
C SER C 58 -16.04 4.79 45.21
N ALA C 59 -16.21 5.95 44.59
CA ALA C 59 -17.03 6.05 43.40
C ALA C 59 -16.33 5.41 42.20
N THR C 60 -17.09 4.69 41.39
CA THR C 60 -16.54 4.00 40.24
C THR C 60 -17.02 4.68 38.95
N HIS C 61 -16.15 4.62 37.94
CA HIS C 61 -16.42 5.20 36.63
C HIS C 61 -15.88 4.24 35.58
N TYR C 62 -16.60 4.09 34.47
CA TYR C 62 -16.25 3.15 33.42
C TYR C 62 -16.26 3.82 32.05
N ALA C 63 -15.39 3.33 31.16
CA ALA C 63 -15.52 3.69 29.75
C ALA C 63 -16.82 3.13 29.20
N GLU C 64 -17.45 3.89 28.29
CA GLU C 64 -18.69 3.43 27.67
C GLU C 64 -18.51 2.06 26.99
N SER C 65 -17.31 1.77 26.50
CA SER C 65 -17.11 0.50 25.81
C SER C 65 -17.15 -0.71 26.75
N VAL C 66 -16.96 -0.52 28.05
CA VAL C 66 -16.96 -1.63 28.99
C VAL C 66 -18.04 -1.53 30.05
N LYS C 67 -18.84 -0.47 30.05
CA LYS C 67 -19.84 -0.28 31.08
C LYS C 67 -20.85 -1.42 31.07
N GLY C 68 -21.22 -1.90 32.26
CA GLY C 68 -22.13 -3.03 32.40
C GLY C 68 -21.47 -4.39 32.29
N ARG C 69 -20.24 -4.46 31.78
CA ARG C 69 -19.51 -5.72 31.67
C ARG C 69 -18.34 -5.83 32.63
N PHE C 70 -17.68 -4.72 32.96
CA PHE C 70 -16.51 -4.71 33.82
C PHE C 70 -16.88 -4.14 35.19
N THR C 71 -16.22 -4.60 36.24
CA THR C 71 -16.40 -4.04 37.58
C THR C 71 -15.05 -3.78 38.22
N ILE C 72 -14.81 -2.54 38.63
CA ILE C 72 -13.57 -2.19 39.32
C ILE C 72 -13.86 -2.16 40.81
N SER C 73 -12.94 -2.66 41.62
CA SER C 73 -13.10 -2.66 43.06
C SER C 73 -11.72 -2.53 43.70
N ARG C 74 -11.72 -2.28 45.02
CA ARG C 74 -10.48 -2.08 45.74
C ARG C 74 -10.60 -2.69 47.12
N ASP C 75 -9.45 -3.10 47.66
CA ASP C 75 -9.36 -3.59 49.04
C ASP C 75 -8.20 -2.83 49.68
N ASP C 76 -8.53 -1.78 50.42
CA ASP C 76 -7.48 -0.93 50.99
C ASP C 76 -6.64 -1.69 52.00
N SER C 77 -7.20 -2.70 52.67
CA SER C 77 -6.42 -3.46 53.63
C SER C 77 -5.34 -4.29 52.95
N LYS C 78 -5.48 -4.59 51.66
CA LYS C 78 -4.47 -5.30 50.90
C LYS C 78 -3.75 -4.40 49.89
N SER C 79 -4.01 -3.09 49.92
CA SER C 79 -3.47 -2.14 48.93
C SER C 79 -3.68 -2.65 47.51
N ALA C 80 -4.87 -3.18 47.22
CA ALA C 80 -5.13 -3.83 45.95
C ALA C 80 -6.32 -3.20 45.24
N VAL C 81 -6.24 -3.17 43.92
CA VAL C 81 -7.35 -2.80 43.05
C VAL C 81 -7.54 -3.93 42.06
N TYR C 82 -8.80 -4.18 41.68
CA TYR C 82 -9.15 -5.32 40.85
C TYR C 82 -10.02 -4.88 39.68
N LEU C 83 -9.99 -5.67 38.61
CA LEU C 83 -10.84 -5.43 37.45
C LEU C 83 -11.49 -6.76 37.08
N GLN C 84 -12.77 -6.91 37.39
CA GLN C 84 -13.52 -8.11 37.03
C GLN C 84 -14.15 -7.87 35.66
N MET C 85 -13.81 -8.73 34.69
CA MET C 85 -14.31 -8.61 33.33
C MET C 85 -15.23 -9.79 33.02
N THR C 86 -16.34 -9.50 32.33
CA THR C 86 -17.31 -10.50 31.93
C THR C 86 -17.75 -10.20 30.50
N ASP C 87 -18.46 -11.16 29.88
CA ASP C 87 -18.94 -11.02 28.50
C ASP C 87 -17.83 -10.49 27.59
N LEU C 88 -16.63 -11.05 27.72
CA LEU C 88 -15.46 -10.50 27.03
C LEU C 88 -15.61 -10.62 25.51
N ARG C 89 -15.06 -9.62 24.81
CA ARG C 89 -15.14 -9.50 23.37
C ARG C 89 -13.74 -9.52 22.77
N THR C 90 -13.63 -9.91 21.48
CA THR C 90 -12.31 -9.93 20.84
C THR C 90 -11.62 -8.57 20.94
N GLU C 91 -12.38 -7.48 20.87
CA GLU C 91 -11.75 -6.16 20.89
C GLU C 91 -11.34 -5.71 22.29
N ASP C 92 -11.63 -6.50 23.34
CA ASP C 92 -11.06 -6.24 24.66
C ASP C 92 -9.62 -6.73 24.76
N THR C 93 -9.12 -7.46 23.76
CA THR C 93 -7.72 -7.88 23.74
C THR C 93 -6.80 -6.69 23.90
N GLY C 94 -5.80 -6.82 24.77
CA GLY C 94 -4.82 -5.77 24.93
C GLY C 94 -3.97 -6.00 26.17
N VAL C 95 -3.04 -5.06 26.38
CA VAL C 95 -2.24 -5.02 27.60
C VAL C 95 -2.94 -4.08 28.58
N TYR C 96 -3.24 -4.59 29.79
CA TYR C 96 -3.98 -3.87 30.80
C TYR C 96 -3.02 -3.39 31.88
N TYR C 97 -2.98 -2.07 32.07
CA TYR C 97 -2.12 -1.44 33.06
C TYR C 97 -2.93 -0.97 34.26
N CYS C 98 -2.44 -1.28 35.44
CA CYS C 98 -2.86 -0.61 36.66
C CYS C 98 -2.17 0.75 36.71
N SER C 99 -2.89 1.78 37.11
CA SER C 99 -2.31 3.12 37.11
C SER C 99 -3.00 4.00 38.14
N ARG C 100 -2.21 4.88 38.76
CA ARG C 100 -2.74 5.91 39.64
C ARG C 100 -2.96 7.18 38.84
N ASN C 101 -4.15 7.76 38.96
CA ASN C 101 -4.40 9.10 38.45
C ASN C 101 -4.38 10.07 39.61
N TYR C 102 -3.64 11.17 39.46
CA TYR C 102 -3.46 12.13 40.54
C TYR C 102 -4.66 13.07 40.58
N TYR C 103 -5.72 12.60 41.24
CA TYR C 103 -6.88 13.43 41.58
C TYR C 103 -7.50 14.11 40.36
N GLY C 104 -7.60 13.37 39.25
CA GLY C 104 -8.21 13.90 38.05
C GLY C 104 -7.27 14.74 37.20
N SER C 105 -6.05 14.25 36.98
CA SER C 105 -5.09 14.91 36.09
C SER C 105 -4.23 13.86 35.39
N THR C 106 -2.98 13.70 35.82
CA THR C 106 -2.05 12.79 35.16
C THR C 106 -2.22 11.36 35.67
N TYR C 107 -1.79 10.40 34.85
CA TYR C 107 -1.55 9.02 35.32
C TYR C 107 -0.09 8.96 35.74
N ASP C 108 0.18 9.23 37.03
CA ASP C 108 1.57 9.50 37.39
C ASP C 108 2.37 8.25 37.72
N TYR C 109 1.71 7.11 37.96
CA TYR C 109 2.40 5.84 38.13
C TYR C 109 1.64 4.74 37.40
N TRP C 110 2.40 3.83 36.78
CA TRP C 110 1.86 2.74 35.99
C TRP C 110 2.53 1.44 36.39
N GLY C 111 1.78 0.35 36.30
CA GLY C 111 2.33 -0.97 36.48
C GLY C 111 3.11 -1.42 35.26
N GLN C 112 3.35 -2.73 35.19
CA GLN C 112 4.09 -3.32 34.10
C GLN C 112 3.17 -3.87 33.02
N GLY C 113 1.88 -3.96 33.29
CA GLY C 113 0.90 -4.44 32.34
C GLY C 113 0.71 -5.94 32.41
N THR C 114 -0.52 -6.37 32.17
CA THR C 114 -0.84 -7.79 32.08
C THR C 114 -1.67 -7.99 30.81
N THR C 115 -1.31 -9.03 30.05
CA THR C 115 -1.85 -9.25 28.71
C THR C 115 -3.14 -10.05 28.76
N LEU C 116 -4.16 -9.55 28.10
CA LEU C 116 -5.42 -10.26 27.93
C LEU C 116 -5.60 -10.56 26.45
N THR C 117 -5.84 -11.82 26.12
CA THR C 117 -6.13 -12.25 24.76
C THR C 117 -7.49 -12.91 24.74
N VAL C 118 -8.43 -12.31 24.01
CA VAL C 118 -9.76 -12.88 23.83
C VAL C 118 -9.83 -13.39 22.41
N SER C 119 -9.96 -14.72 22.24
CA SER C 119 -9.99 -15.33 20.92
C SER C 119 -10.64 -16.68 21.02
N SER C 120 -11.32 -17.09 19.94
CA SER C 120 -11.93 -18.41 19.85
C SER C 120 -10.98 -19.46 19.26
N ALA C 121 -9.76 -19.08 18.88
CA ALA C 121 -8.82 -20.05 18.31
C ALA C 121 -8.39 -21.07 19.36
N SER C 122 -8.20 -22.31 18.91
CA SER C 122 -7.73 -23.36 19.79
C SER C 122 -6.20 -23.39 19.83
N THR C 123 -5.66 -23.75 20.99
CA THR C 123 -4.22 -23.85 21.15
C THR C 123 -3.66 -24.91 20.20
N LYS C 124 -2.59 -24.57 19.49
CA LYS C 124 -2.07 -25.45 18.44
C LYS C 124 -0.60 -25.13 18.20
N GLY C 125 0.24 -26.16 18.13
CA GLY C 125 1.64 -25.98 17.81
C GLY C 125 1.87 -25.74 16.33
N PRO C 126 3.02 -25.16 15.98
CA PRO C 126 3.26 -24.80 14.58
C PRO C 126 3.72 -25.97 13.73
N SER C 127 3.52 -25.81 12.42
CA SER C 127 4.25 -26.60 11.43
C SER C 127 5.48 -25.80 11.01
N VAL C 128 6.60 -26.49 10.80
CA VAL C 128 7.86 -25.80 10.52
C VAL C 128 8.35 -26.27 9.15
N PHE C 129 8.54 -25.33 8.23
CA PHE C 129 8.95 -25.66 6.88
C PHE C 129 10.27 -24.99 6.53
N PRO C 130 11.13 -25.66 5.75
CA PRO C 130 12.40 -25.03 5.38
C PRO C 130 12.20 -23.92 4.37
N LEU C 131 13.00 -22.87 4.50
CA LEU C 131 13.19 -21.85 3.46
C LEU C 131 14.59 -22.13 2.93
N ALA C 132 14.68 -22.96 1.88
CA ALA C 132 15.98 -23.50 1.50
C ALA C 132 16.81 -22.43 0.81
N PRO C 133 18.13 -22.45 1.00
CA PRO C 133 18.99 -21.46 0.33
C PRO C 133 18.95 -21.67 -1.18
N SER C 134 18.81 -20.56 -1.91
CA SER C 134 18.61 -20.62 -3.35
C SER C 134 19.86 -21.11 -4.06
N SER C 135 19.67 -21.97 -5.05
CA SER C 135 20.76 -22.44 -5.88
C SER C 135 21.33 -21.36 -6.80
N LYS C 136 20.79 -20.15 -6.76
CA LYS C 136 21.28 -19.07 -7.61
C LYS C 136 21.71 -17.86 -6.76
N GLY C 141 29.48 -15.60 -2.46
CA GLY C 141 29.05 -14.51 -1.62
C GLY C 141 28.28 -14.97 -0.39
N THR C 142 27.07 -14.43 -0.22
CA THR C 142 26.26 -14.69 0.96
C THR C 142 24.93 -15.32 0.54
N ALA C 143 24.48 -16.30 1.32
CA ALA C 143 23.22 -17.00 1.05
C ALA C 143 22.27 -16.80 2.23
N ALA C 144 20.98 -16.74 1.93
CA ALA C 144 19.95 -16.63 2.95
C ALA C 144 19.14 -17.92 2.99
N LEU C 145 18.77 -18.34 4.20
CA LEU C 145 17.95 -19.52 4.41
C LEU C 145 17.11 -19.25 5.64
N GLY C 146 16.14 -20.13 5.91
CA GLY C 146 15.29 -19.88 7.05
C GLY C 146 14.31 -20.99 7.32
N CYS C 147 13.42 -20.70 8.26
CA CYS C 147 12.32 -21.60 8.63
C CYS C 147 11.04 -20.80 8.65
N LEU C 148 10.01 -21.34 8.03
CA LEU C 148 8.65 -20.80 8.12
C LEU C 148 7.94 -21.54 9.25
N VAL C 149 7.46 -20.79 10.23
CA VAL C 149 6.83 -21.34 11.43
C VAL C 149 5.36 -20.96 11.36
N LYS C 150 4.50 -21.90 10.97
CA LYS C 150 3.17 -21.56 10.47
C LYS C 150 2.06 -22.16 11.34
N ASP C 151 0.99 -21.38 11.51
CA ASP C 151 -0.29 -21.86 12.03
C ASP C 151 -0.20 -22.35 13.48
N TYR C 152 0.22 -21.50 14.39
CA TYR C 152 0.24 -21.82 15.80
C TYR C 152 -0.58 -20.79 16.58
N PHE C 153 -0.94 -21.17 17.80
CA PHE C 153 -1.69 -20.30 18.71
C PHE C 153 -1.59 -20.82 20.14
N PRO C 154 -1.50 -19.90 21.11
CA PRO C 154 -1.31 -18.46 20.96
C PRO C 154 0.18 -18.14 20.90
N GLU C 155 0.51 -16.85 20.88
CA GLU C 155 1.91 -16.40 21.06
C GLU C 155 2.40 -16.82 22.45
N PRO C 156 3.73 -16.94 22.64
CA PRO C 156 4.79 -16.78 21.63
C PRO C 156 5.39 -18.12 21.20
N VAL C 157 6.19 -18.09 20.14
CA VAL C 157 7.15 -19.14 19.87
C VAL C 157 8.54 -18.57 20.09
N THR C 158 9.50 -19.45 20.35
CA THR C 158 10.90 -19.08 20.33
C THR C 158 11.60 -19.84 19.22
N VAL C 159 12.56 -19.19 18.56
CA VAL C 159 13.33 -19.81 17.49
C VAL C 159 14.80 -19.55 17.75
N SER C 160 15.60 -20.60 17.70
CA SER C 160 17.05 -20.44 17.69
C SER C 160 17.61 -21.20 16.50
N TRP C 161 18.90 -21.02 16.25
CA TRP C 161 19.57 -21.71 15.17
C TRP C 161 20.75 -22.48 15.73
N ASN C 162 20.90 -23.72 15.28
CA ASN C 162 21.94 -24.64 15.74
C ASN C 162 22.02 -24.64 17.28
N SER C 163 20.85 -24.72 17.91
CA SER C 163 20.74 -24.80 19.37
C SER C 163 21.42 -23.61 20.04
N GLY C 164 21.34 -22.44 19.43
CA GLY C 164 21.86 -21.22 20.01
C GLY C 164 23.29 -20.87 19.63
N ALA C 165 23.99 -21.72 18.89
CA ALA C 165 25.35 -21.40 18.49
C ALA C 165 25.41 -20.45 17.30
N LEU C 166 24.30 -20.23 16.60
CA LEU C 166 24.26 -19.34 15.44
C LEU C 166 23.34 -18.17 15.78
N THR C 167 23.90 -16.97 15.92
CA THR C 167 23.12 -15.81 16.29
C THR C 167 23.33 -14.64 15.33
N SER C 168 24.53 -14.54 14.73
CA SER C 168 24.82 -13.44 13.83
C SER C 168 24.03 -13.58 12.54
N GLY C 169 23.43 -12.48 12.09
CA GLY C 169 22.68 -12.48 10.85
C GLY C 169 21.30 -13.08 10.93
N VAL C 170 20.83 -13.47 12.11
CA VAL C 170 19.49 -14.02 12.27
C VAL C 170 18.48 -12.89 12.37
N HIS C 171 17.36 -13.01 11.65
CA HIS C 171 16.21 -12.14 11.86
C HIS C 171 14.99 -13.03 12.06
N THR C 172 14.42 -13.00 13.25
CA THR C 172 13.17 -13.72 13.53
C THR C 172 12.05 -12.69 13.50
N PHE C 173 11.20 -12.77 12.49
CA PHE C 173 10.22 -11.71 12.27
C PHE C 173 9.13 -11.77 13.33
N PRO C 174 8.55 -10.62 13.67
CA PRO C 174 7.36 -10.62 14.52
C PRO C 174 6.25 -11.42 13.85
N ALA C 175 5.51 -12.17 14.66
CA ALA C 175 4.41 -12.97 14.15
C ALA C 175 3.31 -12.09 13.58
N VAL C 176 2.62 -12.61 12.57
CA VAL C 176 1.44 -11.96 12.03
C VAL C 176 0.25 -12.87 12.28
N LEU C 177 -0.87 -12.26 12.68
CA LEU C 177 -2.10 -13.00 12.91
C LEU C 177 -2.80 -13.20 11.56
N GLN C 178 -3.07 -14.46 11.22
CA GLN C 178 -3.73 -14.77 9.96
C GLN C 178 -5.25 -14.69 10.12
N SER C 179 -5.95 -14.59 8.99
CA SER C 179 -7.40 -14.55 9.01
C SER C 179 -8.01 -15.77 9.67
N SER C 180 -7.27 -16.88 9.74
CA SER C 180 -7.71 -18.08 10.45
C SER C 180 -7.71 -17.91 11.97
N GLY C 181 -7.08 -16.88 12.49
CA GLY C 181 -6.90 -16.77 13.93
C GLY C 181 -5.62 -17.39 14.45
N LEU C 182 -4.81 -17.99 13.57
CA LEU C 182 -3.54 -18.56 13.93
C LEU C 182 -2.39 -17.65 13.49
N TYR C 183 -1.28 -17.73 14.19
CA TYR C 183 -0.10 -16.92 13.89
C TYR C 183 0.84 -17.65 12.93
N SER C 184 1.68 -16.87 12.26
CA SER C 184 2.75 -17.38 11.43
C SER C 184 3.91 -16.40 11.47
N LEU C 185 5.13 -16.92 11.41
CA LEU C 185 6.32 -16.08 11.26
C LEU C 185 7.38 -16.86 10.49
N SER C 186 8.39 -16.13 10.02
CA SER C 186 9.59 -16.72 9.47
C SER C 186 10.79 -16.30 10.30
N SER C 187 11.79 -17.17 10.37
CA SER C 187 13.11 -16.80 10.90
C SER C 187 14.12 -17.04 9.80
N VAL C 188 14.97 -16.04 9.52
CA VAL C 188 15.94 -16.14 8.44
C VAL C 188 17.33 -15.83 8.97
N VAL C 189 18.33 -16.31 8.24
CA VAL C 189 19.73 -16.07 8.57
C VAL C 189 20.53 -16.07 7.27
N THR C 190 21.57 -15.24 7.24
CA THR C 190 22.51 -15.21 6.13
C THR C 190 23.82 -15.88 6.55
N VAL C 191 24.33 -16.75 5.69
CA VAL C 191 25.52 -17.57 5.98
C VAL C 191 26.40 -17.57 4.73
N PRO C 192 27.69 -17.91 4.89
CA PRO C 192 28.56 -18.01 3.71
C PRO C 192 28.05 -19.05 2.72
N SER C 193 28.02 -18.66 1.44
CA SER C 193 27.64 -19.61 0.40
C SER C 193 28.52 -20.85 0.43
N SER C 194 29.80 -20.69 0.78
CA SER C 194 30.74 -21.80 0.71
C SER C 194 30.48 -22.86 1.78
N SER C 195 29.68 -22.55 2.80
CA SER C 195 29.45 -23.49 3.89
C SER C 195 28.28 -24.43 3.63
N LEU C 196 27.56 -24.27 2.51
CA LEU C 196 26.27 -24.94 2.36
C LEU C 196 26.41 -26.45 2.19
N GLY C 197 27.53 -26.91 1.63
CA GLY C 197 27.70 -28.34 1.45
C GLY C 197 27.99 -29.08 2.74
N THR C 198 28.62 -28.39 3.70
CA THR C 198 29.25 -29.05 4.84
C THR C 198 28.67 -28.67 6.19
N GLN C 199 28.20 -27.43 6.38
CA GLN C 199 27.66 -27.01 7.66
C GLN C 199 26.17 -27.33 7.76
N THR C 200 25.79 -27.95 8.87
CA THR C 200 24.38 -28.23 9.12
C THR C 200 23.71 -27.00 9.71
N TYR C 201 22.51 -26.68 9.20
CA TYR C 201 21.72 -25.56 9.69
C TYR C 201 20.37 -26.09 10.15
N ILE C 202 20.10 -25.95 11.45
CA ILE C 202 18.87 -26.43 12.05
C ILE C 202 18.24 -25.27 12.80
N CYS C 203 16.96 -25.02 12.55
CA CYS C 203 16.19 -24.10 13.37
C CYS C 203 15.48 -24.90 14.46
N ASN C 204 15.51 -24.38 15.68
CA ASN C 204 14.89 -25.01 16.84
C ASN C 204 13.70 -24.16 17.23
N VAL C 205 12.50 -24.72 17.09
CA VAL C 205 11.26 -24.00 17.36
C VAL C 205 10.63 -24.60 18.62
N ASN C 206 10.26 -23.72 19.56
CA ASN C 206 9.63 -24.13 20.80
C ASN C 206 8.33 -23.35 20.99
N HIS C 207 7.23 -24.06 21.19
CA HIS C 207 5.93 -23.45 21.45
C HIS C 207 5.43 -24.03 22.77
N LYS C 208 5.73 -23.32 23.86
CA LYS C 208 5.39 -23.83 25.18
C LYS C 208 3.88 -24.01 25.39
N PRO C 209 2.98 -23.13 24.94
CA PRO C 209 1.54 -23.36 25.18
C PRO C 209 1.03 -24.69 24.70
N SER C 210 1.64 -25.29 23.69
CA SER C 210 1.22 -26.60 23.18
C SER C 210 2.21 -27.70 23.50
N ASN C 211 3.26 -27.41 24.27
CA ASN C 211 4.31 -28.37 24.60
C ASN C 211 4.88 -28.98 23.32
N THR C 212 5.20 -28.12 22.37
CA THR C 212 5.67 -28.51 21.04
C THR C 212 7.10 -28.03 20.85
N LYS C 213 7.98 -28.93 20.44
CA LYS C 213 9.37 -28.60 20.11
C LYS C 213 9.72 -29.27 18.80
N VAL C 214 10.23 -28.49 17.85
CA VAL C 214 10.53 -28.97 16.51
C VAL C 214 11.93 -28.52 16.13
N ASP C 215 12.76 -29.45 15.70
CA ASP C 215 14.05 -29.14 15.06
C ASP C 215 13.93 -29.48 13.57
N LYS C 216 14.22 -28.50 12.72
CA LYS C 216 14.12 -28.68 11.27
C LYS C 216 15.46 -28.36 10.63
N LYS C 217 16.05 -29.36 9.97
CA LYS C 217 17.26 -29.14 9.18
C LYS C 217 16.91 -28.44 7.88
N VAL C 218 17.66 -27.39 7.54
CA VAL C 218 17.41 -26.59 6.35
C VAL C 218 18.63 -26.72 5.43
N GLU C 219 18.42 -27.28 4.25
CA GLU C 219 19.53 -27.59 3.36
C GLU C 219 19.14 -27.28 1.93
N PRO C 220 20.12 -27.18 1.02
CA PRO C 220 19.79 -26.94 -0.39
C PRO C 220 18.85 -28.02 -0.95
N LYS C 221 17.96 -27.58 -1.83
CA LYS C 221 17.04 -28.48 -2.50
C LYS C 221 17.76 -29.27 -3.59
N SER C 222 17.49 -30.57 -3.66
CA SER C 222 18.18 -31.47 -4.59
C SER C 222 17.79 -31.19 -6.05
N ASP D 1 -16.18 12.07 23.21
CA ASP D 1 -14.83 12.09 23.72
C ASP D 1 -13.96 13.10 22.94
N ILE D 2 -13.04 13.76 23.64
CA ILE D 2 -12.10 14.67 22.99
C ILE D 2 -11.04 13.84 22.29
N LEU D 3 -10.75 14.17 21.05
CA LEU D 3 -9.78 13.41 20.27
C LEU D 3 -8.47 14.18 20.20
N LEU D 4 -7.36 13.46 20.34
CA LEU D 4 -6.02 14.02 20.28
C LEU D 4 -5.34 13.45 19.05
N THR D 5 -4.90 14.33 18.16
CA THR D 5 -4.23 13.95 16.91
C THR D 5 -2.73 14.23 17.07
N GLN D 6 -1.93 13.18 17.10
CA GLN D 6 -0.48 13.35 17.20
C GLN D 6 0.14 13.22 15.82
N SER D 7 1.06 14.14 15.52
CA SER D 7 1.79 14.11 14.27
CA SER D 7 1.79 14.11 14.27
C SER D 7 3.25 14.51 14.50
N PRO D 8 4.17 13.87 13.76
CA PRO D 8 3.89 12.76 12.83
C PRO D 8 3.82 11.46 13.61
N ALA D 9 3.27 10.41 12.99
CA ALA D 9 3.24 9.13 13.68
C ALA D 9 4.64 8.56 13.86
N ILE D 10 5.55 8.88 12.96
CA ILE D 10 6.94 8.42 13.01
C ILE D 10 7.85 9.59 12.71
N LEU D 11 8.85 9.81 13.58
CA LEU D 11 9.82 10.88 13.38
C LEU D 11 11.21 10.27 13.45
N SER D 12 11.99 10.49 12.39
CA SER D 12 13.38 10.02 12.32
C SER D 12 14.28 11.09 12.89
N VAL D 13 15.16 10.71 13.83
CA VAL D 13 16.03 11.67 14.49
C VAL D 13 17.47 11.16 14.46
N SER D 14 18.40 12.10 14.48
CA SER D 14 19.81 11.81 14.72
C SER D 14 20.22 12.41 16.06
N PRO D 15 21.14 11.79 16.81
CA PRO D 15 21.55 12.38 18.09
C PRO D 15 22.11 13.78 17.88
N GLY D 16 21.94 14.60 18.91
CA GLY D 16 22.28 16.01 18.84
C GLY D 16 21.24 16.88 18.14
N GLU D 17 20.30 16.27 17.43
CA GLU D 17 19.25 17.04 16.76
C GLU D 17 18.28 17.62 17.78
N ARG D 18 17.82 18.84 17.52
CA ARG D 18 16.68 19.42 18.22
C ARG D 18 15.42 19.07 17.45
N VAL D 19 14.50 18.34 18.09
CA VAL D 19 13.31 17.84 17.42
C VAL D 19 12.08 18.19 18.25
N SER D 20 10.92 18.15 17.60
CA SER D 20 9.67 18.38 18.31
C SER D 20 8.55 17.68 17.56
N PHE D 21 7.47 17.42 18.27
CA PHE D 21 6.31 16.78 17.66
C PHE D 21 5.06 17.28 18.36
N SER D 22 3.92 17.00 17.75
CA SER D 22 2.71 17.79 17.89
C SER D 22 1.56 16.94 18.43
N CYS D 23 0.68 17.59 19.18
CA CYS D 23 -0.57 17.01 19.68
C CYS D 23 -1.66 18.06 19.51
N ARG D 24 -2.68 17.76 18.73
CA ARG D 24 -3.77 18.70 18.50
C ARG D 24 -5.04 18.11 19.07
N ALA D 25 -5.69 18.86 19.97
CA ALA D 25 -6.95 18.41 20.56
C ALA D 25 -8.12 18.86 19.69
N SER D 26 -9.17 18.03 19.64
CA SER D 26 -10.32 18.30 18.77
C SER D 26 -11.21 19.41 19.32
N GLN D 27 -11.00 19.83 20.57
CA GLN D 27 -11.64 21.02 21.12
C GLN D 27 -10.74 21.57 22.22
N PHE D 28 -11.14 22.72 22.76
CA PHE D 28 -10.35 23.41 23.78
C PHE D 28 -10.04 22.50 24.97
N VAL D 29 -8.76 22.46 25.37
CA VAL D 29 -8.38 21.69 26.55
C VAL D 29 -7.52 22.51 27.51
N GLY D 30 -7.48 23.84 27.34
CA GLY D 30 -6.72 24.67 28.27
C GLY D 30 -5.25 24.32 28.26
N SER D 31 -4.71 24.05 29.45
CA SER D 31 -3.35 23.54 29.58
CA SER D 31 -3.35 23.53 29.58
C SER D 31 -3.32 22.10 30.07
N SER D 32 -4.45 21.39 30.04
CA SER D 32 -4.55 20.04 30.60
C SER D 32 -4.10 18.98 29.60
N ILE D 33 -2.84 19.09 29.18
CA ILE D 33 -2.19 18.14 28.29
C ILE D 33 -0.93 17.65 28.97
N HIS D 34 -0.77 16.33 29.05
CA HIS D 34 0.35 15.69 29.72
C HIS D 34 1.02 14.72 28.76
N TRP D 35 2.35 14.60 28.86
CA TRP D 35 3.12 13.81 27.91
C TRP D 35 3.78 12.63 28.60
N TYR D 36 3.82 11.50 27.89
CA TYR D 36 4.38 10.25 28.40
C TYR D 36 5.39 9.68 27.42
N GLN D 37 6.37 8.98 27.96
CA GLN D 37 7.34 8.23 27.19
C GLN D 37 7.15 6.74 27.45
N GLN D 38 7.15 5.92 26.38
CA GLN D 38 7.08 4.48 26.51
C GLN D 38 8.17 3.84 25.66
N ARG D 39 9.18 3.26 26.31
CA ARG D 39 10.22 2.55 25.62
C ARG D 39 9.75 1.15 25.26
N THR D 40 10.47 0.51 24.34
CA THR D 40 10.12 -0.82 23.87
C THR D 40 9.99 -1.80 25.04
N ASN D 41 8.89 -2.55 25.05
CA ASN D 41 8.59 -3.51 26.12
C ASN D 41 8.54 -2.83 27.49
N GLY D 42 8.20 -1.54 27.53
CA GLY D 42 8.12 -0.81 28.78
C GLY D 42 6.75 -0.20 29.00
N SER D 43 6.58 0.38 30.20
CA SER D 43 5.35 1.06 30.58
C SER D 43 5.44 2.56 30.29
N PRO D 44 4.30 3.20 30.08
CA PRO D 44 4.29 4.66 29.96
C PRO D 44 4.89 5.31 31.20
N ARG D 45 5.56 6.44 30.99
CA ARG D 45 6.21 7.17 32.07
C ARG D 45 5.91 8.65 31.88
N LEU D 46 5.37 9.28 32.92
CA LEU D 46 4.99 10.68 32.85
C LEU D 46 6.22 11.56 32.73
N LEU D 47 6.25 12.41 31.71
CA LEU D 47 7.35 13.33 31.46
C LEU D 47 7.00 14.77 31.79
N ILE D 48 5.91 15.27 31.23
CA ILE D 48 5.52 16.67 31.32
C ILE D 48 4.05 16.68 31.76
N LYS D 49 3.72 17.56 32.70
CA LYS D 49 2.34 17.73 33.12
C LYS D 49 1.90 19.15 32.81
N TYR D 50 0.60 19.29 32.55
CA TYR D 50 -0.02 20.58 32.28
C TYR D 50 0.79 21.38 31.26
N ALA D 51 1.06 20.73 30.12
CA ALA D 51 1.58 21.33 28.90
C ALA D 51 3.08 21.68 28.98
N SER D 52 3.53 22.30 30.07
CA SER D 52 4.90 22.81 30.09
C SER D 52 5.70 22.50 31.36
N GLU D 53 5.16 21.75 32.32
CA GLU D 53 5.81 21.55 33.60
C GLU D 53 6.51 20.20 33.61
N SER D 54 7.84 20.22 33.71
CA SER D 54 8.60 18.98 33.73
C SER D 54 8.57 18.35 35.11
N MET D 55 8.44 17.03 35.16
CA MET D 55 8.43 16.29 36.41
C MET D 55 9.84 16.19 36.98
N SER D 56 9.94 16.07 38.30
CA SER D 56 11.26 15.96 38.89
C SER D 56 11.95 14.68 38.40
N GLY D 57 13.27 14.75 38.22
CA GLY D 57 14.04 13.65 37.69
C GLY D 57 13.97 13.47 36.18
N ILE D 58 13.18 14.29 35.49
CA ILE D 58 13.09 14.24 34.02
C ILE D 58 14.19 15.12 33.46
N PRO D 59 14.99 14.63 32.49
CA PRO D 59 16.10 15.45 31.98
C PRO D 59 15.63 16.77 31.39
N SER D 60 16.48 17.79 31.54
CA SER D 60 16.13 19.15 31.15
C SER D 60 15.94 19.32 29.65
N ARG D 61 16.44 18.39 28.82
CA ARG D 61 16.27 18.52 27.38
C ARG D 61 14.80 18.42 26.95
N PHE D 62 13.93 17.79 27.76
CA PHE D 62 12.51 17.74 27.44
C PHE D 62 11.84 19.04 27.86
N SER D 63 11.10 19.66 26.93
CA SER D 63 10.27 20.80 27.28
C SER D 63 8.98 20.77 26.48
N GLY D 64 7.90 21.18 27.12
CA GLY D 64 6.61 21.18 26.45
C GLY D 64 6.08 22.59 26.36
N SER D 65 5.19 22.86 25.40
CA SER D 65 4.59 24.17 25.26
C SER D 65 3.25 24.01 24.57
N GLY D 66 2.45 25.07 24.62
CA GLY D 66 1.16 25.08 23.94
C GLY D 66 0.02 25.37 24.90
N SER D 67 -1.10 25.84 24.36
CA SER D 67 -2.31 26.01 25.14
C SER D 67 -3.49 26.08 24.18
N GLY D 68 -4.67 25.69 24.67
CA GLY D 68 -5.85 25.73 23.86
C GLY D 68 -6.08 24.44 23.10
N THR D 69 -5.53 24.33 21.90
CA THR D 69 -5.67 23.09 21.13
C THR D 69 -4.36 22.52 20.59
N ASP D 70 -3.30 23.30 20.43
CA ASP D 70 -2.09 22.81 19.77
C ASP D 70 -0.92 22.76 20.74
N PHE D 71 -0.35 21.56 20.88
CA PHE D 71 0.66 21.33 21.91
C PHE D 71 1.89 20.69 21.28
N THR D 72 3.04 20.93 21.88
CA THR D 72 4.31 20.52 21.31
C THR D 72 5.22 20.00 22.40
N LEU D 73 5.81 18.82 22.19
CA LEU D 73 6.89 18.33 23.02
C LEU D 73 8.18 18.46 22.24
N SER D 74 9.19 19.06 22.86
CA SER D 74 10.50 19.26 22.23
C SER D 74 11.58 18.56 23.03
N ILE D 75 12.60 18.08 22.33
CA ILE D 75 13.78 17.48 22.95
C ILE D 75 14.98 18.21 22.38
N ASN D 76 15.61 19.06 23.19
CA ASN D 76 16.73 19.87 22.73
C ASN D 76 17.99 19.04 22.85
N THR D 77 18.41 18.48 21.71
CA THR D 77 19.45 17.48 21.58
C THR D 77 18.93 16.14 22.09
N VAL D 78 18.40 15.35 21.16
CA VAL D 78 17.96 13.99 21.45
C VAL D 78 19.15 13.14 21.88
N GLU D 79 18.92 12.25 22.83
CA GLU D 79 19.89 11.25 23.23
C GLU D 79 19.40 9.87 22.83
N SER D 80 20.32 8.91 22.82
CA SER D 80 19.99 7.55 22.41
C SER D 80 18.85 6.97 23.26
N GLU D 81 18.84 7.26 24.56
CA GLU D 81 17.83 6.71 25.45
C GLU D 81 16.44 7.27 25.18
N ASP D 82 16.33 8.33 24.38
CA ASP D 82 15.03 8.93 24.07
C ASP D 82 14.30 8.22 22.94
N ILE D 83 14.93 7.24 22.28
CA ILE D 83 14.26 6.48 21.23
C ILE D 83 13.14 5.67 21.89
N ALA D 84 11.89 6.00 21.54
CA ALA D 84 10.72 5.47 22.23
C ALA D 84 9.46 6.03 21.59
N ASP D 85 8.29 5.61 22.08
CA ASP D 85 7.02 6.20 21.70
C ASP D 85 6.63 7.27 22.72
N TYR D 86 5.99 8.34 22.24
CA TYR D 86 5.55 9.43 23.08
C TYR D 86 4.05 9.65 22.89
N TYR D 87 3.33 9.79 24.01
CA TYR D 87 1.89 9.96 23.99
C TYR D 87 1.50 11.24 24.72
N CYS D 88 0.49 11.93 24.19
CA CYS D 88 -0.18 12.99 24.94
C CYS D 88 -1.49 12.44 25.50
N GLN D 89 -1.96 13.07 26.57
CA GLN D 89 -3.22 12.75 27.23
C GLN D 89 -3.85 14.05 27.72
N GLN D 90 -5.17 14.17 27.61
CA GLN D 90 -5.87 15.35 28.10
C GLN D 90 -6.65 15.00 29.36
N SER D 91 -6.68 15.93 30.32
CA SER D 91 -7.53 15.82 31.51
C SER D 91 -8.46 17.02 31.65
N HIS D 92 -8.70 17.75 30.57
CA HIS D 92 -9.60 18.89 30.61
C HIS D 92 -11.02 18.46 31.00
N SER D 93 -11.48 17.33 30.46
CA SER D 93 -12.82 16.87 30.78
C SER D 93 -12.92 15.36 30.56
N TRP D 94 -13.98 14.78 31.13
CA TRP D 94 -14.17 13.33 31.20
C TRP D 94 -14.80 12.76 29.93
N PRO D 95 -14.38 11.57 29.49
CA PRO D 95 -13.30 10.72 30.01
C PRO D 95 -11.94 11.19 29.51
N PHE D 96 -10.89 10.91 30.27
CA PHE D 96 -9.55 11.26 29.83
C PHE D 96 -9.16 10.39 28.63
N THR D 97 -8.45 10.99 27.66
CA THR D 97 -8.13 10.32 26.41
C THR D 97 -6.66 10.52 26.06
N PHE D 98 -6.15 9.64 25.20
CA PHE D 98 -4.75 9.64 24.77
C PHE D 98 -4.66 9.82 23.26
N GLY D 99 -3.57 10.46 22.81
CA GLY D 99 -3.28 10.46 21.39
C GLY D 99 -2.72 9.12 20.93
N SER D 100 -2.58 8.96 19.60
CA SER D 100 -2.13 7.70 19.02
C SER D 100 -0.62 7.52 19.08
N GLY D 101 0.13 8.54 19.46
CA GLY D 101 1.55 8.36 19.71
C GLY D 101 2.41 8.84 18.55
N THR D 102 3.60 9.31 18.89
CA THR D 102 4.68 9.55 17.93
C THR D 102 5.83 8.63 18.28
N ASN D 103 6.27 7.84 17.31
CA ASN D 103 7.41 6.94 17.45
C ASN D 103 8.68 7.62 16.96
N LEU D 104 9.74 7.61 17.77
CA LEU D 104 11.04 8.12 17.34
C LEU D 104 11.90 6.94 16.91
N GLU D 105 12.51 7.05 15.74
CA GLU D 105 13.46 6.04 15.28
C GLU D 105 14.76 6.73 14.87
N VAL D 106 15.80 5.93 14.71
CA VAL D 106 17.14 6.46 14.46
C VAL D 106 17.32 6.73 12.97
N LYS D 107 17.73 7.95 12.64
CA LYS D 107 18.08 8.31 11.28
C LYS D 107 19.50 7.87 10.95
N ARG D 108 19.67 7.26 9.78
CA ARG D 108 21.00 6.92 9.26
C ARG D 108 20.97 7.11 7.76
N THR D 109 22.10 6.89 7.10
CA THR D 109 22.17 7.00 5.65
C THR D 109 21.35 5.90 5.00
N VAL D 110 20.95 6.15 3.75
CA VAL D 110 20.15 5.18 3.01
C VAL D 110 20.93 3.89 2.79
N ALA D 111 20.25 2.75 2.96
CA ALA D 111 20.84 1.46 2.66
C ALA D 111 19.84 0.63 1.87
N ALA D 112 20.27 0.10 0.72
CA ALA D 112 19.39 -0.69 -0.12
C ALA D 112 19.12 -2.08 0.48
N PRO D 113 17.92 -2.60 0.30
CA PRO D 113 17.67 -3.99 0.72
C PRO D 113 18.39 -4.97 -0.19
N SER D 114 18.89 -6.05 0.42
CA SER D 114 19.21 -7.27 -0.30
C SER D 114 17.94 -8.11 -0.38
N VAL D 115 17.56 -8.52 -1.59
CA VAL D 115 16.26 -9.14 -1.85
C VAL D 115 16.44 -10.61 -2.19
N PHE D 116 15.63 -11.47 -1.55
CA PHE D 116 15.67 -12.92 -1.77
C PHE D 116 14.26 -13.44 -1.89
N ILE D 117 14.07 -14.51 -2.68
CA ILE D 117 12.74 -15.12 -2.80
C ILE D 117 12.83 -16.62 -2.52
N PHE D 118 11.81 -17.16 -1.85
CA PHE D 118 11.81 -18.55 -1.41
C PHE D 118 10.52 -19.20 -1.90
N PRO D 119 10.59 -20.24 -2.72
CA PRO D 119 9.38 -20.98 -3.12
C PRO D 119 8.81 -21.75 -1.95
N PRO D 120 7.57 -22.21 -2.04
CA PRO D 120 7.05 -23.13 -1.02
C PRO D 120 7.84 -24.44 -1.02
N SER D 121 8.02 -25.01 0.16
CA SER D 121 8.67 -26.31 0.30
C SER D 121 7.73 -27.42 -0.19
N ASP D 122 8.33 -28.53 -0.63
CA ASP D 122 7.52 -29.70 -0.98
C ASP D 122 6.74 -30.19 0.23
N GLU D 123 7.35 -30.15 1.41
CA GLU D 123 6.65 -30.48 2.64
C GLU D 123 5.36 -29.70 2.77
N GLN D 124 5.42 -28.37 2.62
CA GLN D 124 4.21 -27.58 2.81
C GLN D 124 3.17 -27.90 1.75
N LEU D 125 3.59 -28.03 0.49
CA LEU D 125 2.66 -28.33 -0.58
C LEU D 125 1.88 -29.61 -0.30
N LYS D 126 2.57 -30.64 0.19
CA LYS D 126 1.91 -31.89 0.54
C LYS D 126 0.76 -31.68 1.52
N SER D 127 0.75 -30.57 2.26
CA SER D 127 -0.29 -30.31 3.25
C SER D 127 -1.45 -29.48 2.72
N GLY D 128 -1.38 -28.98 1.48
CA GLY D 128 -2.50 -28.26 0.88
C GLY D 128 -2.33 -26.76 0.75
N THR D 129 -1.22 -26.18 1.21
CA THR D 129 -1.03 -24.74 1.14
C THR D 129 0.35 -24.44 0.58
N ALA D 130 0.48 -23.25 0.00
CA ALA D 130 1.74 -22.78 -0.54
C ALA D 130 2.00 -21.37 0.00
N SER D 131 3.14 -21.19 0.64
CA SER D 131 3.59 -19.87 1.07
C SER D 131 4.85 -19.51 0.30
N VAL D 132 4.84 -18.35 -0.34
CA VAL D 132 6.00 -17.83 -1.05
C VAL D 132 6.48 -16.62 -0.27
N VAL D 133 7.79 -16.57 0.01
CA VAL D 133 8.32 -15.55 0.93
C VAL D 133 9.31 -14.69 0.18
N CYS D 134 9.12 -13.37 0.28
CA CYS D 134 10.05 -12.38 -0.26
C CYS D 134 10.73 -11.69 0.91
N LEU D 135 12.06 -11.68 0.92
CA LEU D 135 12.85 -11.14 2.02
C LEU D 135 13.60 -9.90 1.57
N LEU D 136 13.46 -8.80 2.31
CA LEU D 136 14.24 -7.57 2.13
C LEU D 136 15.14 -7.44 3.35
N ASN D 137 16.45 -7.59 3.16
CA ASN D 137 17.36 -7.68 4.29
C ASN D 137 18.14 -6.38 4.47
N ASN D 138 18.10 -5.84 5.69
CA ASN D 138 19.02 -4.81 6.20
C ASN D 138 18.99 -3.54 5.33
N PHE D 139 17.86 -2.85 5.39
CA PHE D 139 17.70 -1.64 4.59
C PHE D 139 17.26 -0.46 5.45
N TYR D 140 17.40 0.74 4.87
CA TYR D 140 16.94 1.98 5.52
C TYR D 140 16.71 3.01 4.42
N PRO D 141 15.63 3.81 4.52
CA PRO D 141 14.59 3.85 5.56
C PRO D 141 13.60 2.69 5.47
N ARG D 142 12.67 2.63 6.42
CA ARG D 142 11.76 1.51 6.50
C ARG D 142 10.77 1.48 5.34
N GLU D 143 10.47 2.63 4.73
CA GLU D 143 9.48 2.68 3.67
C GLU D 143 9.96 1.89 2.45
N ALA D 144 9.13 0.96 1.99
CA ALA D 144 9.44 0.16 0.81
C ALA D 144 8.12 -0.28 0.20
N LYS D 145 8.15 -0.58 -1.11
CA LYS D 145 6.98 -1.11 -1.81
C LYS D 145 7.32 -2.51 -2.34
N VAL D 146 6.52 -3.50 -1.95
CA VAL D 146 6.73 -4.89 -2.35
C VAL D 146 5.45 -5.36 -3.02
N GLN D 147 5.54 -5.71 -4.30
CA GLN D 147 4.39 -6.17 -5.07
C GLN D 147 4.66 -7.60 -5.56
N TRP D 148 3.63 -8.44 -5.48
CA TRP D 148 3.68 -9.79 -6.00
C TRP D 148 3.02 -9.85 -7.38
N LYS D 149 3.67 -10.55 -8.30
CA LYS D 149 3.12 -10.81 -9.62
C LYS D 149 3.17 -12.31 -9.88
N VAL D 150 2.04 -12.88 -10.26
CA VAL D 150 1.91 -14.32 -10.55
C VAL D 150 1.49 -14.42 -12.01
N ASP D 151 2.35 -15.00 -12.85
CA ASP D 151 2.13 -14.99 -14.30
C ASP D 151 1.69 -13.62 -14.79
N ASN D 152 2.43 -12.59 -14.34
CA ASN D 152 2.26 -11.18 -14.68
C ASN D 152 1.01 -10.54 -14.10
N ALA D 153 0.19 -11.26 -13.32
CA ALA D 153 -0.98 -10.67 -12.67
C ALA D 153 -0.59 -10.10 -11.31
N LEU D 154 -0.86 -8.82 -11.11
CA LEU D 154 -0.57 -8.18 -9.83
C LEU D 154 -1.50 -8.75 -8.75
N GLN D 155 -0.92 -9.22 -7.66
CA GLN D 155 -1.69 -9.79 -6.57
C GLN D 155 -2.17 -8.72 -5.59
N SER D 156 -3.38 -8.90 -5.07
CA SER D 156 -3.93 -8.04 -4.04
C SER D 156 -4.71 -8.89 -3.04
N GLY D 157 -4.49 -8.65 -1.75
CA GLY D 157 -5.31 -9.23 -0.72
C GLY D 157 -4.84 -10.57 -0.17
N ASN D 158 -3.76 -11.14 -0.73
CA ASN D 158 -3.30 -12.46 -0.32
C ASN D 158 -1.85 -12.46 0.17
N SER D 159 -1.34 -11.32 0.63
CA SER D 159 -0.02 -11.30 1.23
C SER D 159 -0.04 -10.52 2.54
N GLN D 160 0.95 -10.81 3.39
CA GLN D 160 1.12 -10.11 4.65
C GLN D 160 2.60 -9.77 4.82
N GLU D 161 2.86 -8.58 5.37
CA GLU D 161 4.22 -8.13 5.62
C GLU D 161 4.53 -8.13 7.11
N SER D 162 5.80 -8.34 7.43
CA SER D 162 6.28 -8.25 8.80
C SER D 162 7.64 -7.56 8.76
N VAL D 163 7.89 -6.69 9.75
CA VAL D 163 9.12 -5.88 9.78
C VAL D 163 9.78 -6.06 11.13
N THR D 164 11.10 -6.25 11.13
CA THR D 164 11.82 -6.35 12.39
C THR D 164 11.91 -4.97 13.04
N GLU D 165 12.20 -4.97 14.34
CA GLU D 165 12.57 -3.75 15.02
C GLU D 165 13.90 -3.23 14.46
N GLN D 166 14.08 -1.91 14.50
CA GLN D 166 15.31 -1.30 14.03
C GLN D 166 16.52 -1.93 14.72
N ASP D 167 17.54 -2.31 13.93
CA ASP D 167 18.70 -3.02 14.47
C ASP D 167 19.49 -2.14 15.43
N SER D 168 19.88 -2.72 16.58
CA SER D 168 20.52 -1.91 17.61
C SER D 168 21.94 -1.47 17.22
N LYS D 169 22.61 -2.19 16.31
CA LYS D 169 23.97 -1.84 15.93
C LYS D 169 24.07 -1.03 14.64
N ASP D 170 23.29 -1.35 13.59
CA ASP D 170 23.40 -0.57 12.35
C ASP D 170 22.13 0.15 11.96
N SER D 171 21.06 0.08 12.75
CA SER D 171 19.89 0.91 12.57
C SER D 171 19.12 0.60 11.29
N THR D 172 19.30 -0.60 10.74
CA THR D 172 18.55 -1.00 9.57
C THR D 172 17.32 -1.81 9.97
N TYR D 173 16.48 -2.08 8.98
CA TYR D 173 15.28 -2.91 9.09
C TYR D 173 15.42 -4.10 8.17
N SER D 174 14.68 -5.17 8.50
CA SER D 174 14.44 -6.23 7.54
C SER D 174 12.94 -6.46 7.45
N LEU D 175 12.49 -6.96 6.30
CA LEU D 175 11.07 -7.10 6.03
C LEU D 175 10.80 -8.41 5.30
N SER D 176 9.72 -9.10 5.69
CA SER D 176 9.23 -10.24 4.92
C SER D 176 7.88 -9.91 4.32
N SER D 177 7.66 -10.36 3.09
CA SER D 177 6.34 -10.37 2.48
C SER D 177 6.01 -11.81 2.12
N THR D 178 4.87 -12.29 2.58
CA THR D 178 4.50 -13.69 2.41
C THR D 178 3.20 -13.79 1.62
N LEU D 179 3.28 -14.40 0.44
CA LEU D 179 2.12 -14.67 -0.39
C LEU D 179 1.59 -16.06 -0.07
N THR D 180 0.30 -16.16 0.26
CA THR D 180 -0.31 -17.42 0.64
C THR D 180 -1.39 -17.79 -0.38
N LEU D 181 -1.27 -18.99 -0.95
CA LEU D 181 -2.24 -19.51 -1.90
C LEU D 181 -2.55 -20.95 -1.53
N SER D 182 -3.69 -21.44 -2.00
CA SER D 182 -3.94 -22.86 -1.92
C SER D 182 -2.97 -23.59 -2.84
N LYS D 183 -2.70 -24.86 -2.50
CA LYS D 183 -1.90 -25.70 -3.38
C LYS D 183 -2.46 -25.72 -4.80
N ALA D 184 -3.78 -25.80 -4.93
CA ALA D 184 -4.40 -25.82 -6.26
C ALA D 184 -4.09 -24.54 -7.02
N ASP D 185 -4.25 -23.38 -6.37
CA ASP D 185 -3.97 -22.12 -7.05
C ASP D 185 -2.49 -21.99 -7.39
N TYR D 186 -1.62 -22.40 -6.45
CA TYR D 186 -0.18 -22.37 -6.71
C TYR D 186 0.17 -23.15 -7.97
N GLU D 187 -0.40 -24.35 -8.12
CA GLU D 187 -0.05 -25.20 -9.25
C GLU D 187 -0.70 -24.76 -10.56
N LYS D 188 -1.60 -23.77 -10.53
CA LYS D 188 -2.15 -23.24 -11.76
C LYS D 188 -1.21 -22.29 -12.49
N HIS D 189 -0.12 -21.85 -11.86
CA HIS D 189 0.72 -20.80 -12.41
C HIS D 189 2.18 -21.21 -12.34
N LYS D 190 3.01 -20.49 -13.10
CA LYS D 190 4.41 -20.86 -13.26
C LYS D 190 5.37 -19.83 -12.69
N VAL D 191 5.21 -18.55 -13.02
CA VAL D 191 6.20 -17.53 -12.71
C VAL D 191 5.73 -16.74 -11.49
N TYR D 192 6.53 -16.78 -10.43
CA TYR D 192 6.25 -16.07 -9.19
C TYR D 192 7.33 -15.02 -9.01
N ALA D 193 6.92 -13.75 -8.91
CA ALA D 193 7.88 -12.65 -8.83
C ALA D 193 7.49 -11.68 -7.73
N CYS D 194 8.51 -11.21 -7.03
CA CYS D 194 8.45 -10.16 -6.04
C CYS D 194 9.18 -8.95 -6.62
N GLU D 195 8.51 -7.79 -6.68
CA GLU D 195 9.15 -6.56 -7.15
C GLU D 195 9.27 -5.57 -6.00
N VAL D 196 10.47 -5.04 -5.79
CA VAL D 196 10.81 -4.21 -4.64
C VAL D 196 11.22 -2.83 -5.14
N THR D 197 10.52 -1.81 -4.67
CA THR D 197 10.91 -0.41 -4.90
C THR D 197 11.38 0.16 -3.58
N HIS D 198 12.58 0.75 -3.59
CA HIS D 198 13.13 1.34 -2.37
C HIS D 198 14.08 2.46 -2.77
N GLN D 199 14.08 3.51 -1.95
CA GLN D 199 14.91 4.70 -2.20
C GLN D 199 16.39 4.35 -2.44
N GLY D 200 16.88 3.30 -1.78
CA GLY D 200 18.27 2.90 -1.94
C GLY D 200 18.58 2.20 -3.25
N LEU D 201 17.58 1.79 -4.02
CA LEU D 201 17.77 1.06 -5.26
C LEU D 201 17.71 2.01 -6.45
N SER D 202 18.73 1.98 -7.31
CA SER D 202 18.74 2.83 -8.49
C SER D 202 17.60 2.49 -9.45
N SER D 203 17.10 1.26 -9.41
CA SER D 203 15.89 0.89 -10.11
C SER D 203 15.24 -0.24 -9.33
N PRO D 204 13.92 -0.40 -9.41
CA PRO D 204 13.26 -1.48 -8.68
C PRO D 204 13.85 -2.84 -9.02
N VAL D 205 13.87 -3.71 -8.03
CA VAL D 205 14.49 -5.03 -8.14
C VAL D 205 13.38 -6.09 -8.18
N THR D 206 13.50 -7.02 -9.12
CA THR D 206 12.59 -8.16 -9.22
C THR D 206 13.37 -9.43 -8.94
N LYS D 207 12.87 -10.24 -8.01
CA LYS D 207 13.32 -11.60 -7.80
C LYS D 207 12.19 -12.56 -8.14
N SER D 208 12.49 -13.62 -8.88
CA SER D 208 11.43 -14.47 -9.41
C SER D 208 11.93 -15.89 -9.60
N PHE D 209 10.99 -16.83 -9.69
CA PHE D 209 11.33 -18.21 -10.01
C PHE D 209 10.22 -18.84 -10.83
N ASN D 210 10.56 -19.93 -11.51
CA ASN D 210 9.57 -20.78 -12.19
C ASN D 210 9.18 -21.92 -11.26
N ARG D 211 7.89 -22.08 -11.02
CA ARG D 211 7.41 -23.19 -10.20
C ARG D 211 8.00 -24.51 -10.66
N GLY D 212 8.63 -25.22 -9.73
CA GLY D 212 9.18 -26.53 -10.03
C GLY D 212 10.55 -26.56 -10.67
N GLU D 213 11.34 -25.50 -10.54
CA GLU D 213 12.69 -25.51 -11.10
C GLU D 213 13.73 -25.61 -9.98
N CYS D 214 14.85 -26.24 -10.33
CA CYS D 214 15.98 -26.54 -9.43
C CYS D 214 15.72 -27.76 -8.55
C1 EDO E . 12.84 9.49 31.39
O1 EDO E . 12.76 8.20 30.77
C2 EDO E . 13.47 10.47 30.41
O2 EDO E . 14.88 10.26 30.34
#